data_2YSH
#
_entry.id   2YSH
#
_entity_poly.entity_id   1
_entity_poly.type   'polypeptide(L)'
_entity_poly.pdbx_seq_one_letter_code
;GSSGSSGLPPGWQSYLSPQGRRYYVNTTTNETTWERPSSS
;
_entity_poly.pdbx_strand_id   A
#
# COMPACT_ATOMS: atom_id res chain seq x y z
N GLY A 1 -13.49 -9.38 9.06
CA GLY A 1 -12.68 -8.51 9.91
C GLY A 1 -11.68 -7.70 9.13
N SER A 2 -11.15 -6.64 9.75
CA SER A 2 -10.18 -5.78 9.11
C SER A 2 -8.80 -6.44 9.05
N SER A 3 -8.16 -6.36 7.89
CA SER A 3 -6.85 -6.96 7.70
C SER A 3 -6.01 -6.13 6.74
N GLY A 4 -4.93 -5.55 7.26
CA GLY A 4 -4.06 -4.73 6.43
C GLY A 4 -2.65 -4.66 6.98
N SER A 5 -2.00 -3.51 6.81
CA SER A 5 -0.64 -3.32 7.28
C SER A 5 -0.51 -2.02 8.08
N SER A 6 -0.30 -2.14 9.38
CA SER A 6 -0.16 -0.99 10.25
C SER A 6 0.72 0.08 9.60
N GLY A 7 1.96 -0.29 9.31
CA GLY A 7 2.88 0.65 8.69
C GLY A 7 3.43 0.13 7.37
N LEU A 8 4.03 1.03 6.59
CA LEU A 8 4.59 0.67 5.29
C LEU A 8 6.05 1.11 5.20
N PRO A 9 6.83 0.39 4.37
CA PRO A 9 8.25 0.70 4.16
C PRO A 9 8.46 1.99 3.38
N PRO A 10 9.63 2.62 3.57
CA PRO A 10 9.98 3.87 2.90
C PRO A 10 10.20 3.67 1.40
N GLY A 11 9.14 3.82 0.62
CA GLY A 11 9.25 3.65 -0.82
C GLY A 11 7.90 3.41 -1.47
N TRP A 12 6.98 2.81 -0.73
CA TRP A 12 5.65 2.52 -1.25
C TRP A 12 4.73 3.72 -1.10
N GLN A 13 3.81 3.88 -2.04
CA GLN A 13 2.86 4.99 -2.01
C GLN A 13 1.49 4.54 -1.53
N SER A 14 0.72 5.47 -0.96
CA SER A 14 -0.61 5.16 -0.46
C SER A 14 -1.67 5.96 -1.19
N TYR A 15 -2.55 5.26 -1.91
CA TYR A 15 -3.62 5.91 -2.66
C TYR A 15 -4.98 5.49 -2.14
N LEU A 16 -6.03 6.10 -2.68
CA LEU A 16 -7.39 5.79 -2.28
C LEU A 16 -8.24 5.42 -3.48
N SER A 17 -9.12 4.44 -3.30
CA SER A 17 -9.99 3.98 -4.37
C SER A 17 -11.00 5.06 -4.75
N PRO A 18 -11.54 4.97 -5.97
CA PRO A 18 -12.52 5.94 -6.48
C PRO A 18 -13.87 5.82 -5.78
N GLN A 19 -13.92 4.99 -4.75
CA GLN A 19 -15.15 4.78 -4.00
C GLN A 19 -14.97 5.21 -2.54
N GLY A 20 -13.71 5.25 -2.09
CA GLY A 20 -13.43 5.64 -0.72
C GLY A 20 -12.42 4.72 -0.07
N ARG A 21 -12.35 3.48 -0.53
CA ARG A 21 -11.43 2.50 0.04
C ARG A 21 -9.99 2.99 -0.07
N ARG A 22 -9.08 2.29 0.59
CA ARG A 22 -7.67 2.66 0.58
C ARG A 22 -6.81 1.51 0.08
N TYR A 23 -5.92 1.80 -0.86
CA TYR A 23 -5.03 0.78 -1.42
C TYR A 23 -3.64 1.35 -1.66
N TYR A 24 -2.69 0.46 -1.92
CA TYR A 24 -1.31 0.87 -2.17
C TYR A 24 -0.87 0.47 -3.57
N VAL A 25 0.14 1.17 -4.08
CA VAL A 25 0.66 0.89 -5.41
C VAL A 25 2.13 1.29 -5.53
N ASN A 26 2.94 0.40 -6.08
CA ASN A 26 4.37 0.66 -6.24
C ASN A 26 4.62 1.48 -7.51
N THR A 27 5.60 2.38 -7.44
CA THR A 27 5.95 3.22 -8.57
C THR A 27 7.03 2.57 -9.42
N THR A 28 7.98 1.92 -8.76
CA THR A 28 9.08 1.26 -9.46
C THR A 28 8.62 -0.05 -10.08
N THR A 29 8.16 -0.97 -9.24
CA THR A 29 7.70 -2.27 -9.71
C THR A 29 6.36 -2.15 -10.42
N ASN A 30 5.64 -1.06 -10.16
CA ASN A 30 4.35 -0.82 -10.78
C ASN A 30 3.41 -1.99 -10.53
N GLU A 31 3.28 -2.38 -9.26
CA GLU A 31 2.40 -3.48 -8.88
C GLU A 31 1.27 -2.99 -7.99
N THR A 32 0.05 -3.42 -8.31
CA THR A 32 -1.13 -3.03 -7.52
C THR A 32 -1.36 -3.98 -6.36
N THR A 33 -1.66 -3.41 -5.20
CA THR A 33 -1.91 -4.22 -4.00
C THR A 33 -3.08 -3.67 -3.20
N TRP A 34 -3.44 -4.37 -2.13
CA TRP A 34 -4.55 -3.94 -1.29
C TRP A 34 -4.08 -3.66 0.14
N GLU A 35 -3.99 -2.38 0.49
CA GLU A 35 -3.55 -1.99 1.82
C GLU A 35 -2.40 -2.87 2.30
N ARG A 36 -1.47 -3.17 1.40
CA ARG A 36 -0.34 -4.01 1.72
C ARG A 36 0.73 -3.92 0.63
N PRO A 37 1.82 -3.20 0.92
CA PRO A 37 2.93 -3.02 -0.02
C PRO A 37 3.73 -4.31 -0.23
N SER A 38 3.33 -5.09 -1.23
CA SER A 38 4.00 -6.34 -1.53
C SER A 38 5.41 -6.09 -2.07
N SER A 39 6.35 -5.84 -1.16
CA SER A 39 7.73 -5.58 -1.55
C SER A 39 8.30 -6.74 -2.35
N SER A 40 9.23 -6.43 -3.26
CA SER A 40 9.85 -7.45 -4.09
C SER A 40 11.28 -7.06 -4.44
N GLY A 1 -1.26 10.89 16.65
CA GLY A 1 -1.06 10.31 17.97
C GLY A 1 -1.30 8.81 17.98
N SER A 2 -0.22 8.03 17.94
CA SER A 2 -0.32 6.58 17.95
C SER A 2 1.02 5.94 18.26
N SER A 3 0.99 4.66 18.62
CA SER A 3 2.22 3.93 18.94
C SER A 3 3.04 3.65 17.69
N GLY A 4 2.41 3.04 16.70
CA GLY A 4 3.09 2.73 15.46
C GLY A 4 3.40 1.24 15.33
N SER A 5 2.45 0.40 15.74
CA SER A 5 2.64 -1.05 15.66
C SER A 5 3.41 -1.43 14.41
N SER A 6 2.88 -1.06 13.25
CA SER A 6 3.51 -1.37 11.98
C SER A 6 2.85 -0.59 10.84
N GLY A 7 3.67 -0.07 9.93
CA GLY A 7 3.15 0.69 8.81
C GLY A 7 3.67 0.17 7.48
N LEU A 8 4.24 1.07 6.68
CA LEU A 8 4.78 0.71 5.37
C LEU A 8 6.22 1.16 5.23
N PRO A 9 6.99 0.44 4.40
CA PRO A 9 8.40 0.75 4.15
C PRO A 9 8.58 2.04 3.37
N PRO A 10 9.76 2.67 3.50
CA PRO A 10 10.08 3.91 2.80
C PRO A 10 10.26 3.70 1.30
N GLY A 11 9.17 3.87 0.56
CA GLY A 11 9.23 3.69 -0.89
C GLY A 11 7.86 3.45 -1.50
N TRP A 12 6.98 2.81 -0.73
CA TRP A 12 5.64 2.52 -1.20
C TRP A 12 4.71 3.73 -1.02
N GLN A 13 3.82 3.94 -1.99
CA GLN A 13 2.89 5.06 -1.93
C GLN A 13 1.50 4.58 -1.53
N SER A 14 0.78 5.44 -0.81
CA SER A 14 -0.57 5.12 -0.35
C SER A 14 -1.60 6.00 -1.02
N TYR A 15 -2.56 5.37 -1.71
CA TYR A 15 -3.61 6.11 -2.40
C TYR A 15 -4.98 5.59 -2.00
N LEU A 16 -6.02 6.24 -2.52
CA LEU A 16 -7.40 5.84 -2.22
C LEU A 16 -8.14 5.46 -3.49
N SER A 17 -8.94 4.40 -3.41
CA SER A 17 -9.71 3.94 -4.56
C SER A 17 -10.78 4.95 -4.95
N PRO A 18 -11.26 4.88 -6.20
CA PRO A 18 -12.29 5.78 -6.72
C PRO A 18 -13.64 5.53 -6.09
N GLN A 19 -13.68 4.67 -5.08
CA GLN A 19 -14.92 4.34 -4.39
C GLN A 19 -14.89 4.82 -2.94
N GLY A 20 -13.68 4.98 -2.41
CA GLY A 20 -13.53 5.43 -1.04
C GLY A 20 -12.54 4.60 -0.25
N ARG A 21 -12.36 3.35 -0.68
CA ARG A 21 -11.44 2.45 -0.01
C ARG A 21 -10.01 2.94 -0.13
N ARG A 22 -9.10 2.34 0.65
CA ARG A 22 -7.70 2.72 0.63
C ARG A 22 -6.83 1.55 0.15
N TYR A 23 -5.91 1.85 -0.77
CA TYR A 23 -5.03 0.83 -1.31
C TYR A 23 -3.64 1.41 -1.59
N TYR A 24 -2.66 0.52 -1.74
CA TYR A 24 -1.29 0.95 -2.00
C TYR A 24 -0.86 0.55 -3.41
N VAL A 25 0.15 1.25 -3.92
CA VAL A 25 0.66 0.97 -5.26
C VAL A 25 2.17 1.16 -5.32
N ASN A 26 2.86 0.21 -5.94
CA ASN A 26 4.31 0.27 -6.07
C ASN A 26 4.72 1.15 -7.25
N THR A 27 5.57 2.13 -6.98
CA THR A 27 6.03 3.05 -8.02
C THR A 27 7.30 2.52 -8.68
N THR A 28 7.73 1.33 -8.27
CA THR A 28 8.93 0.72 -8.82
C THR A 28 8.58 -0.25 -9.94
N THR A 29 7.63 -1.14 -9.68
CA THR A 29 7.21 -2.12 -10.67
C THR A 29 5.74 -1.94 -11.03
N ASN A 30 5.25 -0.71 -10.89
CA ASN A 30 3.86 -0.40 -11.21
C ASN A 30 2.94 -1.54 -10.79
N GLU A 31 3.16 -2.06 -9.58
CA GLU A 31 2.36 -3.15 -9.06
C GLU A 31 1.22 -2.61 -8.19
N THR A 32 0.09 -3.31 -8.21
CA THR A 32 -1.08 -2.91 -7.43
C THR A 32 -1.31 -3.86 -6.26
N THR A 33 -1.58 -3.29 -5.09
CA THR A 33 -1.83 -4.10 -3.90
C THR A 33 -3.00 -3.54 -3.09
N TRP A 34 -3.36 -4.24 -2.02
CA TRP A 34 -4.46 -3.82 -1.16
C TRP A 34 -3.98 -3.56 0.25
N GLU A 35 -3.89 -2.28 0.62
CA GLU A 35 -3.44 -1.91 1.96
C GLU A 35 -2.30 -2.80 2.42
N ARG A 36 -1.38 -3.11 1.51
CA ARG A 36 -0.24 -3.96 1.83
C ARG A 36 0.82 -3.87 0.74
N PRO A 37 1.91 -3.16 1.02
CA PRO A 37 3.02 -2.99 0.08
C PRO A 37 3.81 -4.28 -0.15
N SER A 38 3.40 -5.05 -1.15
CA SER A 38 4.06 -6.31 -1.46
C SER A 38 3.92 -6.64 -2.94
N SER A 39 4.91 -7.37 -3.47
CA SER A 39 4.90 -7.74 -4.88
C SER A 39 4.16 -9.06 -5.09
N SER A 40 4.00 -9.45 -6.35
CA SER A 40 3.30 -10.69 -6.68
C SER A 40 4.29 -11.79 -7.01
N GLY A 1 -1.73 8.18 12.89
CA GLY A 1 -1.44 9.60 12.93
C GLY A 1 0.04 9.89 13.03
N SER A 2 0.41 10.74 13.98
CA SER A 2 1.82 11.09 14.18
C SER A 2 2.52 10.06 15.05
N SER A 3 2.24 8.78 14.81
CA SER A 3 2.85 7.71 15.57
C SER A 3 4.29 7.49 15.16
N GLY A 4 5.07 6.84 16.03
CA GLY A 4 6.47 6.57 15.73
C GLY A 4 6.65 5.35 14.87
N SER A 5 6.06 4.23 15.30
CA SER A 5 6.18 2.98 14.56
C SER A 5 5.95 3.20 13.07
N SER A 6 6.43 2.26 12.25
CA SER A 6 6.28 2.36 10.81
C SER A 6 5.49 1.18 10.26
N GLY A 7 4.44 1.48 9.50
CA GLY A 7 3.62 0.43 8.93
C GLY A 7 4.14 -0.06 7.60
N LEU A 8 4.33 0.86 6.66
CA LEU A 8 4.84 0.52 5.33
C LEU A 8 6.28 0.99 5.16
N PRO A 9 7.03 0.27 4.29
CA PRO A 9 8.44 0.60 4.02
C PRO A 9 8.58 1.91 3.25
N PRO A 10 9.77 2.53 3.36
CA PRO A 10 10.08 3.79 2.68
C PRO A 10 10.20 3.62 1.17
N GLY A 11 9.09 3.83 0.46
CA GLY A 11 9.10 3.70 -0.99
C GLY A 11 7.71 3.46 -1.55
N TRP A 12 6.84 2.85 -0.75
CA TRP A 12 5.48 2.56 -1.18
C TRP A 12 4.57 3.77 -0.94
N GLN A 13 3.67 4.02 -1.89
CA GLN A 13 2.74 5.13 -1.78
C GLN A 13 1.34 4.65 -1.43
N SER A 14 0.60 5.47 -0.69
CA SER A 14 -0.76 5.12 -0.28
C SER A 14 -1.78 6.02 -0.96
N TYR A 15 -2.62 5.43 -1.79
CA TYR A 15 -3.65 6.18 -2.51
C TYR A 15 -5.04 5.62 -2.23
N LEU A 16 -6.05 6.47 -2.34
CA LEU A 16 -7.42 6.06 -2.09
C LEU A 16 -8.13 5.71 -3.40
N SER A 17 -8.87 4.60 -3.39
CA SER A 17 -9.59 4.14 -4.57
C SER A 17 -10.70 5.13 -4.93
N PRO A 18 -11.14 5.07 -6.21
CA PRO A 18 -12.20 5.94 -6.71
C PRO A 18 -13.56 5.62 -6.12
N GLN A 19 -13.57 4.71 -5.15
CA GLN A 19 -14.81 4.30 -4.49
C GLN A 19 -14.83 4.74 -3.03
N GLY A 20 -13.65 5.04 -2.50
CA GLY A 20 -13.55 5.47 -1.12
C GLY A 20 -12.61 4.61 -0.30
N ARG A 21 -12.34 3.40 -0.80
CA ARG A 21 -11.45 2.48 -0.12
C ARG A 21 -10.00 2.95 -0.19
N ARG A 22 -9.15 2.33 0.63
CA ARG A 22 -7.74 2.70 0.66
C ARG A 22 -6.87 1.53 0.20
N TYR A 23 -5.93 1.81 -0.69
CA TYR A 23 -5.03 0.78 -1.21
C TYR A 23 -3.65 1.35 -1.47
N TYR A 24 -2.67 0.47 -1.62
CA TYR A 24 -1.29 0.88 -1.87
C TYR A 24 -0.87 0.53 -3.30
N VAL A 25 0.01 1.35 -3.87
CA VAL A 25 0.50 1.12 -5.22
C VAL A 25 2.00 1.35 -5.31
N ASN A 26 2.70 0.43 -5.97
CA ASN A 26 4.14 0.54 -6.14
C ASN A 26 4.49 1.20 -7.47
N THR A 27 5.36 2.21 -7.41
CA THR A 27 5.78 2.92 -8.61
C THR A 27 7.02 2.30 -9.21
N THR A 28 7.75 1.52 -8.40
CA THR A 28 8.96 0.87 -8.85
C THR A 28 8.66 -0.14 -9.96
N THR A 29 7.69 -1.01 -9.72
CA THR A 29 7.31 -2.03 -10.69
C THR A 29 5.84 -1.92 -11.05
N ASN A 30 5.26 -0.73 -10.85
CA ASN A 30 3.86 -0.50 -11.15
C ASN A 30 2.99 -1.65 -10.66
N GLU A 31 3.28 -2.13 -9.46
CA GLU A 31 2.53 -3.24 -8.87
C GLU A 31 1.39 -2.72 -7.98
N THR A 32 0.20 -3.28 -8.17
CA THR A 32 -0.96 -2.88 -7.40
C THR A 32 -1.21 -3.84 -6.25
N THR A 33 -1.53 -3.29 -5.08
CA THR A 33 -1.80 -4.11 -3.91
C THR A 33 -2.97 -3.55 -3.10
N TRP A 34 -3.36 -4.27 -2.05
CA TRP A 34 -4.47 -3.84 -1.20
C TRP A 34 -4.00 -3.61 0.24
N GLU A 35 -3.89 -2.34 0.62
CA GLU A 35 -3.45 -1.99 1.96
C GLU A 35 -2.33 -2.92 2.43
N ARG A 36 -1.40 -3.23 1.54
CA ARG A 36 -0.28 -4.10 1.85
C ARG A 36 0.78 -4.05 0.76
N PRO A 37 1.89 -3.37 1.05
CA PRO A 37 3.00 -3.23 0.10
C PRO A 37 3.75 -4.55 -0.11
N SER A 38 3.50 -5.18 -1.26
CA SER A 38 4.16 -6.45 -1.57
C SER A 38 5.58 -6.48 -1.04
N SER A 39 5.98 -7.64 -0.53
CA SER A 39 7.33 -7.80 0.02
C SER A 39 8.31 -8.24 -1.06
N SER A 40 7.93 -9.28 -1.81
CA SER A 40 8.78 -9.80 -2.87
C SER A 40 8.38 -9.21 -4.22
N GLY A 1 -4.07 10.57 10.51
CA GLY A 1 -4.07 10.40 11.96
C GLY A 1 -2.67 10.27 12.53
N SER A 2 -2.52 9.37 13.51
CA SER A 2 -1.23 9.15 14.14
C SER A 2 -0.84 7.67 14.10
N SER A 3 0.29 7.39 13.48
CA SER A 3 0.78 6.02 13.36
C SER A 3 1.65 5.64 14.55
N GLY A 4 1.61 4.37 14.93
CA GLY A 4 2.41 3.90 16.05
C GLY A 4 3.60 3.09 15.62
N SER A 5 3.34 1.89 15.10
CA SER A 5 4.41 1.00 14.65
C SER A 5 4.63 1.13 13.15
N SER A 6 5.87 0.94 12.72
CA SER A 6 6.22 1.04 11.31
C SER A 6 5.18 0.34 10.45
N GLY A 7 4.50 1.13 9.61
CA GLY A 7 3.48 0.56 8.74
C GLY A 7 4.05 0.06 7.43
N LEU A 8 4.16 0.95 6.45
CA LEU A 8 4.70 0.60 5.14
C LEU A 8 6.16 1.02 5.01
N PRO A 9 6.91 0.30 4.17
CA PRO A 9 8.33 0.60 3.94
C PRO A 9 8.53 1.89 3.17
N PRO A 10 9.74 2.47 3.29
CA PRO A 10 10.10 3.72 2.62
C PRO A 10 10.23 3.54 1.11
N GLY A 11 9.14 3.79 0.39
CA GLY A 11 9.15 3.65 -1.05
C GLY A 11 7.78 3.42 -1.63
N TRP A 12 6.93 2.73 -0.87
CA TRP A 12 5.57 2.44 -1.32
C TRP A 12 4.65 3.63 -1.09
N GLN A 13 3.79 3.90 -2.06
CA GLN A 13 2.85 5.02 -1.97
C GLN A 13 1.45 4.53 -1.62
N SER A 14 0.71 5.34 -0.87
CA SER A 14 -0.64 4.99 -0.48
C SER A 14 -1.66 5.94 -1.10
N TYR A 15 -2.67 5.36 -1.74
CA TYR A 15 -3.72 6.16 -2.39
C TYR A 15 -5.10 5.69 -1.97
N LEU A 16 -6.13 6.36 -2.47
CA LEU A 16 -7.50 6.01 -2.15
C LEU A 16 -8.29 5.67 -3.41
N SER A 17 -9.03 4.57 -3.36
CA SER A 17 -9.82 4.12 -4.50
C SER A 17 -10.94 5.12 -4.81
N PRO A 18 -11.46 5.07 -6.04
CA PRO A 18 -12.53 5.96 -6.48
C PRO A 18 -13.86 5.63 -5.82
N GLN A 19 -13.82 4.73 -4.84
CA GLN A 19 -15.03 4.33 -4.12
C GLN A 19 -14.95 4.76 -2.65
N GLY A 20 -13.75 5.06 -2.19
CA GLY A 20 -13.57 5.48 -0.82
C GLY A 20 -12.58 4.61 -0.06
N ARG A 21 -12.36 3.40 -0.57
CA ARG A 21 -11.44 2.46 0.06
C ARG A 21 -9.99 2.94 -0.10
N ARG A 22 -9.09 2.32 0.65
CA ARG A 22 -7.67 2.68 0.59
C ARG A 22 -6.85 1.54 0.02
N TYR A 23 -5.93 1.87 -0.88
CA TYR A 23 -5.08 0.86 -1.50
C TYR A 23 -3.68 1.42 -1.74
N TYR A 24 -2.71 0.51 -1.90
CA TYR A 24 -1.33 0.91 -2.13
C TYR A 24 -0.88 0.51 -3.53
N VAL A 25 0.13 1.21 -4.03
CA VAL A 25 0.67 0.94 -5.37
C VAL A 25 2.13 1.35 -5.47
N ASN A 26 2.95 0.46 -6.01
CA ASN A 26 4.38 0.73 -6.16
C ASN A 26 4.65 1.54 -7.43
N THR A 27 5.70 2.34 -7.41
CA THR A 27 6.07 3.16 -8.55
C THR A 27 7.18 2.51 -9.37
N THR A 28 8.16 1.96 -8.68
CA THR A 28 9.28 1.29 -9.34
C THR A 28 8.83 0.03 -10.06
N THR A 29 8.29 -0.93 -9.30
CA THR A 29 7.83 -2.18 -9.87
C THR A 29 6.48 -2.01 -10.56
N ASN A 30 5.69 -1.05 -10.07
CA ASN A 30 4.37 -0.78 -10.63
C ASN A 30 3.42 -1.95 -10.39
N GLU A 31 3.27 -2.33 -9.13
CA GLU A 31 2.39 -3.43 -8.76
C GLU A 31 1.24 -2.94 -7.88
N THR A 32 0.03 -3.35 -8.24
CA THR A 32 -1.16 -2.96 -7.50
C THR A 32 -1.42 -3.90 -6.33
N THR A 33 -1.70 -3.34 -5.16
CA THR A 33 -1.97 -4.13 -3.97
C THR A 33 -3.13 -3.56 -3.17
N TRP A 34 -3.51 -4.25 -2.10
CA TRP A 34 -4.61 -3.81 -1.26
C TRP A 34 -4.13 -3.55 0.17
N GLU A 35 -4.02 -2.27 0.53
CA GLU A 35 -3.58 -1.88 1.86
C GLU A 35 -2.46 -2.80 2.34
N ARG A 36 -1.53 -3.12 1.44
CA ARG A 36 -0.41 -3.99 1.78
C ARG A 36 0.65 -3.95 0.68
N PRO A 37 1.76 -3.25 0.95
CA PRO A 37 2.86 -3.12 0.00
C PRO A 37 3.62 -4.43 -0.20
N SER A 38 3.30 -5.14 -1.27
CA SER A 38 3.95 -6.42 -1.57
C SER A 38 5.41 -6.40 -1.15
N SER A 39 5.85 -7.47 -0.51
CA SER A 39 7.23 -7.59 -0.05
C SER A 39 7.96 -8.71 -0.78
N SER A 40 9.25 -8.50 -1.03
CA SER A 40 10.07 -9.50 -1.72
C SER A 40 10.89 -10.30 -0.73
N GLY A 1 -11.48 -7.75 11.92
CA GLY A 1 -11.69 -7.34 10.54
C GLY A 1 -10.66 -6.33 10.08
N SER A 2 -10.48 -5.27 10.85
CA SER A 2 -9.53 -4.22 10.51
C SER A 2 -8.10 -4.66 10.81
N SER A 3 -7.34 -4.95 9.76
CA SER A 3 -5.96 -5.39 9.91
C SER A 3 -5.16 -4.40 10.75
N GLY A 4 -4.23 -4.92 11.54
CA GLY A 4 -3.42 -4.07 12.38
C GLY A 4 -1.96 -4.06 11.95
N SER A 5 -1.09 -3.60 12.85
CA SER A 5 0.35 -3.54 12.55
C SER A 5 0.63 -2.54 11.44
N SER A 6 -0.06 -1.40 11.49
CA SER A 6 0.11 -0.36 10.48
C SER A 6 1.58 0.01 10.32
N GLY A 7 2.02 0.09 9.07
CA GLY A 7 3.41 0.43 8.80
C GLY A 7 3.87 -0.05 7.45
N LEU A 8 4.30 0.88 6.59
CA LEU A 8 4.77 0.53 5.26
C LEU A 8 6.23 0.95 5.07
N PRO A 9 6.94 0.24 4.18
CA PRO A 9 8.35 0.53 3.89
C PRO A 9 8.52 1.83 3.12
N PRO A 10 9.73 2.42 3.24
CA PRO A 10 10.05 3.68 2.56
C PRO A 10 10.15 3.52 1.05
N GLY A 11 9.05 3.76 0.35
CA GLY A 11 9.04 3.63 -1.10
C GLY A 11 7.65 3.39 -1.65
N TRP A 12 6.77 2.84 -0.82
CA TRP A 12 5.40 2.55 -1.23
C TRP A 12 4.50 3.75 -0.97
N GLN A 13 3.62 4.05 -1.93
CA GLN A 13 2.70 5.17 -1.79
C GLN A 13 1.30 4.67 -1.46
N SER A 14 0.55 5.48 -0.70
CA SER A 14 -0.79 5.12 -0.31
C SER A 14 -1.82 5.98 -1.04
N TYR A 15 -2.70 5.34 -1.79
CA TYR A 15 -3.73 6.04 -2.55
C TYR A 15 -5.12 5.51 -2.20
N LEU A 16 -6.12 6.36 -2.37
CA LEU A 16 -7.50 5.99 -2.08
C LEU A 16 -8.28 5.75 -3.36
N SER A 17 -9.10 4.69 -3.36
CA SER A 17 -9.90 4.35 -4.52
C SER A 17 -10.96 5.42 -4.79
N PRO A 18 -11.44 5.47 -6.04
CA PRO A 18 -12.46 6.44 -6.46
C PRO A 18 -13.82 6.15 -5.83
N GLN A 19 -13.86 5.19 -4.91
CA GLN A 19 -15.10 4.82 -4.24
C GLN A 19 -15.01 5.12 -2.75
N GLY A 20 -13.79 5.24 -2.24
CA GLY A 20 -13.60 5.51 -0.83
C GLY A 20 -12.63 4.55 -0.18
N ARG A 21 -12.47 3.38 -0.79
CA ARG A 21 -11.57 2.36 -0.26
C ARG A 21 -10.12 2.86 -0.27
N ARG A 22 -9.26 2.16 0.46
CA ARG A 22 -7.85 2.53 0.54
C ARG A 22 -6.95 1.38 0.07
N TYR A 23 -6.07 1.68 -0.88
CA TYR A 23 -5.16 0.67 -1.42
C TYR A 23 -3.77 1.25 -1.63
N TYR A 24 -2.79 0.37 -1.78
CA TYR A 24 -1.41 0.80 -1.99
C TYR A 24 -0.95 0.45 -3.40
N VAL A 25 0.02 1.22 -3.91
CA VAL A 25 0.55 0.99 -5.24
C VAL A 25 2.05 1.28 -5.29
N ASN A 26 2.79 0.42 -6.00
CA ASN A 26 4.24 0.58 -6.12
C ASN A 26 4.60 1.19 -7.47
N THR A 27 5.50 2.16 -7.45
CA THR A 27 5.95 2.82 -8.67
C THR A 27 7.17 2.14 -9.26
N THR A 28 7.93 1.45 -8.41
CA THR A 28 9.12 0.75 -8.85
C THR A 28 8.80 -0.24 -9.96
N THR A 29 7.86 -1.15 -9.70
CA THR A 29 7.46 -2.14 -10.68
C THR A 29 6.00 -1.95 -11.10
N ASN A 30 5.47 -0.76 -10.84
CA ASN A 30 4.08 -0.46 -11.19
C ASN A 30 3.16 -1.58 -10.75
N GLU A 31 3.41 -2.13 -9.56
CA GLU A 31 2.60 -3.22 -9.03
C GLU A 31 1.43 -2.67 -8.21
N THR A 32 0.33 -3.42 -8.19
CA THR A 32 -0.86 -3.01 -7.44
C THR A 32 -1.15 -3.98 -6.30
N THR A 33 -1.49 -3.43 -5.14
CA THR A 33 -1.79 -4.24 -3.96
C THR A 33 -2.98 -3.68 -3.19
N TRP A 34 -3.39 -4.39 -2.15
CA TRP A 34 -4.52 -3.95 -1.32
C TRP A 34 -4.07 -3.69 0.11
N GLU A 35 -3.98 -2.41 0.47
CA GLU A 35 -3.56 -2.02 1.80
C GLU A 35 -2.46 -2.94 2.33
N ARG A 36 -1.51 -3.26 1.45
CA ARG A 36 -0.41 -4.14 1.82
C ARG A 36 0.67 -4.13 0.75
N PRO A 37 1.78 -3.43 1.03
CA PRO A 37 2.91 -3.32 0.11
C PRO A 37 3.66 -4.64 -0.06
N SER A 38 4.85 -4.58 -0.65
CA SER A 38 5.66 -5.77 -0.86
C SER A 38 6.40 -6.15 0.41
N SER A 39 6.10 -7.34 0.93
CA SER A 39 6.72 -7.83 2.15
C SER A 39 7.69 -8.97 1.84
N SER A 40 8.90 -8.61 1.41
CA SER A 40 9.91 -9.61 1.07
C SER A 40 10.12 -10.59 2.22
N GLY A 1 -6.54 -6.81 4.11
CA GLY A 1 -5.17 -6.65 4.55
C GLY A 1 -5.03 -6.73 6.07
N SER A 2 -5.47 -7.84 6.64
CA SER A 2 -5.41 -8.04 8.08
C SER A 2 -3.99 -7.77 8.59
N SER A 3 -3.84 -6.68 9.35
CA SER A 3 -2.54 -6.32 9.90
C SER A 3 -2.71 -5.58 11.22
N GLY A 4 -1.59 -5.27 11.87
CA GLY A 4 -1.62 -4.57 13.14
C GLY A 4 -0.23 -4.25 13.67
N SER A 5 -0.12 -3.13 14.37
CA SER A 5 1.16 -2.72 14.93
C SER A 5 2.26 -2.74 13.87
N SER A 6 1.92 -2.29 12.66
CA SER A 6 2.87 -2.26 11.56
C SER A 6 2.52 -1.15 10.57
N GLY A 7 3.49 -0.80 9.74
CA GLY A 7 3.27 0.25 8.76
C GLY A 7 3.70 -0.16 7.36
N LEU A 8 4.44 0.71 6.69
CA LEU A 8 4.92 0.44 5.34
C LEU A 8 6.37 0.88 5.17
N PRO A 9 7.11 0.20 4.28
CA PRO A 9 8.51 0.51 3.99
C PRO A 9 8.67 1.84 3.26
N PRO A 10 9.86 2.45 3.39
CA PRO A 10 10.16 3.72 2.75
C PRO A 10 10.29 3.60 1.23
N GLY A 11 9.18 3.81 0.53
CA GLY A 11 9.18 3.71 -0.91
C GLY A 11 7.80 3.49 -1.49
N TRP A 12 6.94 2.86 -0.71
CA TRP A 12 5.57 2.58 -1.15
C TRP A 12 4.66 3.77 -0.87
N GLN A 13 3.79 4.08 -1.82
CA GLN A 13 2.87 5.20 -1.67
C GLN A 13 1.46 4.71 -1.38
N SER A 14 0.68 5.53 -0.69
CA SER A 14 -0.70 5.17 -0.33
C SER A 14 -1.69 6.04 -1.10
N TYR A 15 -2.66 5.40 -1.74
CA TYR A 15 -3.67 6.10 -2.50
C TYR A 15 -5.07 5.66 -2.09
N LEU A 16 -6.08 6.32 -2.64
CA LEU A 16 -7.47 5.99 -2.34
C LEU A 16 -8.22 5.56 -3.60
N SER A 17 -8.97 4.47 -3.49
CA SER A 17 -9.73 3.95 -4.63
C SER A 17 -10.85 4.92 -5.02
N PRO A 18 -11.33 4.79 -6.26
CA PRO A 18 -12.40 5.65 -6.79
C PRO A 18 -13.75 5.37 -6.13
N GLN A 19 -13.73 4.52 -5.10
CA GLN A 19 -14.95 4.17 -4.38
C GLN A 19 -14.91 4.70 -2.96
N GLY A 20 -13.70 4.95 -2.45
CA GLY A 20 -13.55 5.45 -1.10
C GLY A 20 -12.58 4.62 -0.28
N ARG A 21 -12.34 3.38 -0.72
CA ARG A 21 -11.44 2.49 -0.02
C ARG A 21 -9.99 2.97 -0.12
N ARG A 22 -9.15 2.48 0.77
CA ARG A 22 -7.74 2.86 0.78
C ARG A 22 -6.85 1.69 0.38
N TYR A 23 -6.00 1.91 -0.62
CA TYR A 23 -5.10 0.88 -1.10
C TYR A 23 -3.71 1.45 -1.39
N TYR A 24 -2.74 0.56 -1.58
CA TYR A 24 -1.38 0.98 -1.88
C TYR A 24 -1.00 0.63 -3.32
N VAL A 25 0.07 1.26 -3.80
CA VAL A 25 0.55 1.02 -5.16
C VAL A 25 2.04 1.30 -5.28
N ASN A 26 2.76 0.36 -5.90
CA ASN A 26 4.20 0.51 -6.08
C ASN A 26 4.52 1.31 -7.33
N THR A 27 5.61 2.07 -7.28
CA THR A 27 6.03 2.89 -8.42
C THR A 27 7.05 2.16 -9.28
N THR A 28 8.11 1.67 -8.65
CA THR A 28 9.15 0.95 -9.36
C THR A 28 8.59 -0.25 -10.11
N THR A 29 8.03 -1.20 -9.38
CA THR A 29 7.45 -2.39 -9.98
C THR A 29 6.12 -2.08 -10.64
N ASN A 30 5.51 -0.96 -10.25
CA ASN A 30 4.23 -0.55 -10.82
C ASN A 30 3.17 -1.63 -10.60
N GLU A 31 3.14 -2.20 -9.40
CA GLU A 31 2.18 -3.23 -9.06
C GLU A 31 1.11 -2.70 -8.12
N THR A 32 -0.12 -3.17 -8.30
CA THR A 32 -1.24 -2.73 -7.46
C THR A 32 -1.48 -3.72 -6.32
N THR A 33 -1.71 -3.19 -5.13
CA THR A 33 -1.96 -4.01 -3.95
C THR A 33 -3.09 -3.44 -3.11
N TRP A 34 -3.46 -4.16 -2.06
CA TRP A 34 -4.53 -3.74 -1.17
C TRP A 34 -4.01 -3.51 0.25
N GLU A 35 -3.89 -2.24 0.63
CA GLU A 35 -3.40 -1.89 1.96
C GLU A 35 -2.26 -2.82 2.38
N ARG A 36 -1.38 -3.14 1.44
CA ARG A 36 -0.25 -4.01 1.72
C ARG A 36 0.80 -3.90 0.62
N PRO A 37 1.91 -3.21 0.93
CA PRO A 37 3.02 -3.01 -0.01
C PRO A 37 3.79 -4.31 -0.29
N SER A 38 3.36 -5.03 -1.32
CA SER A 38 3.99 -6.29 -1.69
C SER A 38 5.10 -6.06 -2.71
N SER A 39 6.34 -6.04 -2.24
CA SER A 39 7.49 -5.83 -3.12
C SER A 39 8.03 -7.15 -3.65
N SER A 40 8.22 -8.12 -2.75
CA SER A 40 8.73 -9.42 -3.13
C SER A 40 7.59 -10.43 -3.24
N GLY A 1 13.05 6.00 23.49
CA GLY A 1 11.61 5.89 23.60
C GLY A 1 11.06 4.72 22.79
N SER A 2 9.75 4.50 22.91
CA SER A 2 9.10 3.41 22.19
C SER A 2 9.29 3.57 20.69
N SER A 3 10.24 2.81 20.13
CA SER A 3 10.53 2.87 18.70
C SER A 3 9.73 1.82 17.95
N GLY A 4 8.46 1.67 18.31
CA GLY A 4 7.61 0.69 17.66
C GLY A 4 7.00 1.22 16.38
N SER A 5 7.83 1.42 15.36
CA SER A 5 7.37 1.93 14.07
C SER A 5 6.89 0.79 13.18
N SER A 6 5.59 0.50 13.24
CA SER A 6 5.02 -0.57 12.43
C SER A 6 4.13 0.00 11.33
N GLY A 7 4.65 -0.02 10.09
CA GLY A 7 3.88 0.49 8.97
C GLY A 7 4.43 0.02 7.64
N LEU A 8 4.30 0.87 6.62
CA LEU A 8 4.79 0.53 5.29
C LEU A 8 6.24 0.96 5.11
N PRO A 9 6.97 0.23 4.23
CA PRO A 9 8.38 0.52 3.95
C PRO A 9 8.57 1.82 3.19
N PRO A 10 9.76 2.42 3.32
CA PRO A 10 10.09 3.68 2.64
C PRO A 10 10.23 3.51 1.14
N GLY A 11 9.14 3.74 0.42
CA GLY A 11 9.16 3.59 -1.03
C GLY A 11 7.77 3.37 -1.61
N TRP A 12 6.88 2.80 -0.81
CA TRP A 12 5.52 2.53 -1.26
C TRP A 12 4.61 3.73 -0.98
N GLN A 13 3.78 4.07 -1.97
CA GLN A 13 2.86 5.19 -1.84
C GLN A 13 1.44 4.71 -1.54
N SER A 14 0.74 5.43 -0.67
CA SER A 14 -0.61 5.07 -0.30
C SER A 14 -1.62 5.91 -1.08
N TYR A 15 -2.61 5.25 -1.66
CA TYR A 15 -3.65 5.94 -2.43
C TYR A 15 -5.04 5.50 -1.99
N LEU A 16 -6.05 6.16 -2.54
CA LEU A 16 -7.44 5.85 -2.20
C LEU A 16 -8.24 5.53 -3.45
N SER A 17 -9.14 4.55 -3.35
CA SER A 17 -9.96 4.15 -4.48
C SER A 17 -10.93 5.26 -4.86
N PRO A 18 -11.42 5.23 -6.11
CA PRO A 18 -12.36 6.22 -6.63
C PRO A 18 -13.74 6.10 -5.99
N GLN A 19 -13.85 5.22 -5.00
CA GLN A 19 -15.12 5.01 -4.31
C GLN A 19 -15.00 5.37 -2.83
N GLY A 20 -13.78 5.38 -2.32
CA GLY A 20 -13.55 5.71 -0.92
C GLY A 20 -12.57 4.76 -0.26
N ARG A 21 -12.50 3.53 -0.77
CA ARG A 21 -11.60 2.52 -0.21
C ARG A 21 -10.15 3.01 -0.24
N ARG A 22 -9.27 2.24 0.39
CA ARG A 22 -7.86 2.59 0.44
C ARG A 22 -6.98 1.43 0.00
N TYR A 23 -6.02 1.69 -0.88
CA TYR A 23 -5.13 0.66 -1.38
C TYR A 23 -3.75 1.23 -1.66
N TYR A 24 -2.75 0.35 -1.77
CA TYR A 24 -1.38 0.76 -2.03
C TYR A 24 -0.97 0.39 -3.45
N VAL A 25 -0.02 1.15 -4.00
CA VAL A 25 0.46 0.90 -5.35
C VAL A 25 1.93 1.32 -5.50
N ASN A 26 2.74 0.42 -6.04
CA ASN A 26 4.16 0.70 -6.23
C ASN A 26 4.39 1.51 -7.51
N THR A 27 5.37 2.41 -7.45
CA THR A 27 5.69 3.26 -8.59
C THR A 27 6.83 2.66 -9.41
N THR A 28 7.79 2.05 -8.73
CA THR A 28 8.93 1.43 -9.39
C THR A 28 8.51 0.20 -10.17
N THR A 29 8.11 -0.84 -9.45
CA THR A 29 7.68 -2.10 -10.07
C THR A 29 6.34 -1.93 -10.76
N ASN A 30 5.50 -1.06 -10.21
CA ASN A 30 4.18 -0.81 -10.77
C ASN A 30 3.22 -1.97 -10.47
N GLU A 31 3.25 -2.43 -9.22
CA GLU A 31 2.40 -3.53 -8.80
C GLU A 31 1.25 -3.03 -7.93
N THR A 32 0.04 -3.51 -8.22
CA THR A 32 -1.14 -3.10 -7.45
C THR A 32 -1.40 -4.05 -6.29
N THR A 33 -1.68 -3.49 -5.12
CA THR A 33 -1.95 -4.28 -3.94
C THR A 33 -3.11 -3.70 -3.13
N TRP A 34 -3.48 -4.39 -2.05
CA TRP A 34 -4.58 -3.94 -1.20
C TRP A 34 -4.08 -3.67 0.22
N GLU A 35 -3.95 -2.39 0.56
CA GLU A 35 -3.49 -2.01 1.88
C GLU A 35 -2.38 -2.94 2.37
N ARG A 36 -1.47 -3.28 1.47
CA ARG A 36 -0.36 -4.17 1.81
C ARG A 36 0.67 -4.20 0.69
N PRO A 37 1.81 -3.52 0.92
CA PRO A 37 2.90 -3.45 -0.05
C PRO A 37 3.61 -4.79 -0.23
N SER A 38 4.74 -4.77 -0.93
CA SER A 38 5.52 -5.98 -1.17
C SER A 38 6.71 -6.07 -0.20
N SER A 39 6.46 -5.77 1.07
CA SER A 39 7.50 -5.82 2.08
C SER A 39 7.79 -7.25 2.51
N SER A 40 8.83 -7.84 1.94
CA SER A 40 9.21 -9.21 2.26
C SER A 40 10.13 -9.24 3.48
N GLY A 1 -3.56 -17.45 14.69
CA GLY A 1 -4.44 -16.47 14.10
C GLY A 1 -3.76 -15.63 13.04
N SER A 2 -4.44 -14.58 12.58
CA SER A 2 -3.89 -13.71 11.56
C SER A 2 -3.75 -12.28 12.07
N SER A 3 -2.51 -11.83 12.22
CA SER A 3 -2.25 -10.48 12.71
C SER A 3 -1.61 -9.62 11.62
N GLY A 4 -2.12 -8.40 11.47
CA GLY A 4 -1.59 -7.50 10.46
C GLY A 4 -0.47 -6.64 10.99
N SER A 5 0.25 -5.97 10.09
CA SER A 5 1.37 -5.12 10.47
C SER A 5 1.04 -3.65 10.19
N SER A 6 1.48 -2.77 11.08
CA SER A 6 1.24 -1.34 10.93
C SER A 6 2.54 -0.59 10.65
N GLY A 7 2.71 -0.15 9.40
CA GLY A 7 3.90 0.57 9.03
C GLY A 7 4.48 0.09 7.72
N LEU A 8 4.33 0.89 6.67
CA LEU A 8 4.83 0.54 5.35
C LEU A 8 6.28 0.99 5.19
N PRO A 9 7.03 0.27 4.34
CA PRO A 9 8.45 0.58 4.08
C PRO A 9 8.62 1.87 3.29
N PRO A 10 9.80 2.48 3.41
CA PRO A 10 10.13 3.74 2.73
C PRO A 10 10.27 3.55 1.22
N GLY A 11 9.19 3.75 0.49
CA GLY A 11 9.22 3.60 -0.95
C GLY A 11 7.84 3.36 -1.54
N TRP A 12 6.96 2.76 -0.74
CA TRP A 12 5.61 2.47 -1.19
C TRP A 12 4.68 3.65 -0.95
N GLN A 13 3.82 3.93 -1.92
CA GLN A 13 2.88 5.05 -1.81
C GLN A 13 1.48 4.55 -1.46
N SER A 14 0.70 5.40 -0.80
CA SER A 14 -0.66 5.04 -0.41
C SER A 14 -1.68 5.93 -1.12
N TYR A 15 -2.62 5.30 -1.80
CA TYR A 15 -3.66 6.04 -2.52
C TYR A 15 -5.05 5.59 -2.08
N LEU A 16 -6.07 6.23 -2.64
CA LEU A 16 -7.46 5.91 -2.30
C LEU A 16 -8.23 5.50 -3.55
N SER A 17 -9.06 4.47 -3.42
CA SER A 17 -9.86 3.97 -4.54
C SER A 17 -10.90 5.01 -4.95
N PRO A 18 -11.37 4.89 -6.20
CA PRO A 18 -12.39 5.80 -6.74
C PRO A 18 -13.75 5.62 -6.09
N GLN A 19 -13.79 4.82 -5.03
CA GLN A 19 -15.04 4.56 -4.32
C GLN A 19 -14.95 5.02 -2.87
N GLY A 20 -13.72 5.11 -2.36
CA GLY A 20 -13.52 5.54 -0.99
C GLY A 20 -12.52 4.67 -0.25
N ARG A 21 -12.41 3.42 -0.68
CA ARG A 21 -11.49 2.48 -0.05
C ARG A 21 -10.05 2.98 -0.13
N ARG A 22 -9.16 2.37 0.66
CA ARG A 22 -7.76 2.77 0.68
C ARG A 22 -6.87 1.60 0.29
N TYR A 23 -5.98 1.83 -0.66
CA TYR A 23 -5.06 0.80 -1.14
C TYR A 23 -3.68 1.38 -1.44
N TYR A 24 -2.71 0.50 -1.65
CA TYR A 24 -1.35 0.93 -1.94
C TYR A 24 -0.95 0.56 -3.37
N VAL A 25 -0.03 1.31 -3.94
CA VAL A 25 0.44 1.06 -5.30
C VAL A 25 1.93 1.37 -5.44
N ASN A 26 2.68 0.41 -5.96
CA ASN A 26 4.12 0.58 -6.14
C ASN A 26 4.42 1.34 -7.43
N THR A 27 5.44 2.18 -7.39
CA THR A 27 5.83 2.98 -8.55
C THR A 27 7.00 2.34 -9.29
N THR A 28 7.94 1.78 -8.52
CA THR A 28 9.11 1.14 -9.10
C THR A 28 8.71 0.01 -10.04
N THR A 29 8.11 -1.04 -9.48
CA THR A 29 7.68 -2.19 -10.28
C THR A 29 6.33 -1.93 -10.93
N ASN A 30 5.60 -0.94 -10.40
CA ASN A 30 4.30 -0.59 -10.94
C ASN A 30 3.28 -1.71 -10.69
N GLU A 31 3.18 -2.14 -9.44
CA GLU A 31 2.25 -3.20 -9.07
C GLU A 31 1.14 -2.67 -8.18
N THR A 32 -0.02 -3.32 -8.24
CA THR A 32 -1.17 -2.90 -7.44
C THR A 32 -1.40 -3.88 -6.28
N THR A 33 -1.66 -3.33 -5.09
CA THR A 33 -1.90 -4.14 -3.91
C THR A 33 -3.06 -3.58 -3.09
N TRP A 34 -3.42 -4.29 -2.03
CA TRP A 34 -4.51 -3.87 -1.16
C TRP A 34 -4.00 -3.60 0.26
N GLU A 35 -3.90 -2.32 0.62
CA GLU A 35 -3.43 -1.93 1.94
C GLU A 35 -2.29 -2.83 2.39
N ARG A 36 -1.39 -3.15 1.47
CA ARG A 36 -0.25 -4.01 1.78
C ARG A 36 0.80 -3.92 0.68
N PRO A 37 1.90 -3.21 0.96
CA PRO A 37 3.00 -3.03 0.02
C PRO A 37 3.78 -4.33 -0.21
N SER A 38 3.39 -5.08 -1.24
CA SER A 38 4.05 -6.33 -1.57
C SER A 38 5.55 -6.23 -1.34
N SER A 39 6.01 -6.79 -0.22
CA SER A 39 7.43 -6.76 0.11
C SER A 39 8.15 -7.98 -0.47
N SER A 40 8.57 -7.86 -1.72
CA SER A 40 9.28 -8.95 -2.40
C SER A 40 10.47 -8.42 -3.18
N GLY A 1 -6.08 -2.95 23.52
CA GLY A 1 -4.82 -2.26 23.69
C GLY A 1 -4.70 -1.03 22.82
N SER A 2 -4.13 -1.20 21.63
CA SER A 2 -3.96 -0.09 20.70
C SER A 2 -4.45 -0.46 19.30
N SER A 3 -4.67 0.54 18.46
CA SER A 3 -5.15 0.32 17.11
C SER A 3 -4.97 1.57 16.26
N GLY A 4 -4.98 1.39 14.94
CA GLY A 4 -4.82 2.52 14.04
C GLY A 4 -4.31 2.09 12.67
N SER A 5 -3.03 1.74 12.60
CA SER A 5 -2.42 1.32 11.34
C SER A 5 -1.21 0.43 11.59
N SER A 6 -0.81 -0.30 10.56
CA SER A 6 0.34 -1.20 10.67
C SER A 6 1.64 -0.46 10.38
N GLY A 7 1.74 0.09 9.16
CA GLY A 7 2.93 0.81 8.77
C GLY A 7 3.53 0.29 7.47
N LEU A 8 3.94 1.19 6.60
CA LEU A 8 4.53 0.82 5.32
C LEU A 8 5.98 1.28 5.23
N PRO A 9 6.78 0.57 4.43
CA PRO A 9 8.20 0.90 4.24
C PRO A 9 8.39 2.18 3.44
N PRO A 10 9.55 2.83 3.63
CA PRO A 10 9.88 4.07 2.93
C PRO A 10 10.14 3.85 1.44
N GLY A 11 9.08 3.95 0.65
CA GLY A 11 9.21 3.76 -0.79
C GLY A 11 7.88 3.47 -1.46
N TRP A 12 6.95 2.88 -0.70
CA TRP A 12 5.64 2.56 -1.23
C TRP A 12 4.68 3.75 -1.13
N GLN A 13 3.77 3.86 -2.08
CA GLN A 13 2.81 4.96 -2.09
C GLN A 13 1.44 4.48 -1.63
N SER A 14 0.69 5.39 -1.02
CA SER A 14 -0.65 5.06 -0.52
C SER A 14 -1.71 5.94 -1.19
N TYR A 15 -2.63 5.30 -1.91
CA TYR A 15 -3.70 6.01 -2.60
C TYR A 15 -5.06 5.56 -2.11
N LEU A 16 -6.11 6.20 -2.60
CA LEU A 16 -7.48 5.88 -2.22
C LEU A 16 -8.34 5.56 -3.44
N SER A 17 -9.17 4.55 -3.33
CA SER A 17 -10.06 4.16 -4.43
C SER A 17 -11.08 5.24 -4.72
N PRO A 18 -11.63 5.22 -5.94
CA PRO A 18 -12.63 6.20 -6.38
C PRO A 18 -13.97 6.02 -5.67
N GLN A 19 -13.98 5.16 -4.65
CA GLN A 19 -15.20 4.90 -3.88
C GLN A 19 -15.00 5.24 -2.41
N GLY A 20 -13.76 5.17 -1.95
CA GLY A 20 -13.46 5.48 -0.56
C GLY A 20 -12.44 4.53 0.03
N ARG A 21 -12.35 3.33 -0.52
CA ARG A 21 -11.42 2.33 -0.03
C ARG A 21 -9.98 2.85 -0.11
N ARG A 22 -9.08 2.20 0.62
CA ARG A 22 -7.68 2.60 0.64
C ARG A 22 -6.78 1.45 0.17
N TYR A 23 -5.96 1.73 -0.84
CA TYR A 23 -5.06 0.72 -1.39
C TYR A 23 -3.69 1.31 -1.66
N TYR A 24 -2.70 0.45 -1.88
CA TYR A 24 -1.34 0.89 -2.15
C TYR A 24 -0.91 0.49 -3.56
N VAL A 25 0.13 1.15 -4.06
CA VAL A 25 0.65 0.86 -5.39
C VAL A 25 2.13 1.22 -5.50
N ASN A 26 2.92 0.26 -5.96
CA ASN A 26 4.36 0.47 -6.11
C ASN A 26 4.66 1.30 -7.35
N THR A 27 5.76 2.06 -7.30
CA THR A 27 6.15 2.90 -8.43
C THR A 27 7.24 2.23 -9.25
N THR A 28 8.22 1.65 -8.57
CA THR A 28 9.34 0.97 -9.24
C THR A 28 8.83 -0.17 -10.11
N THR A 29 8.29 -1.21 -9.46
CA THR A 29 7.78 -2.36 -10.18
C THR A 29 6.43 -2.06 -10.83
N ASN A 30 5.72 -1.08 -10.27
CA ASN A 30 4.42 -0.69 -10.79
C ASN A 30 3.39 -1.79 -10.57
N GLU A 31 3.41 -2.38 -9.38
CA GLU A 31 2.48 -3.44 -9.04
C GLU A 31 1.35 -2.93 -8.14
N THR A 32 0.16 -3.47 -8.33
CA THR A 32 -1.00 -3.06 -7.54
C THR A 32 -1.23 -4.02 -6.37
N THR A 33 -1.54 -3.47 -5.21
CA THR A 33 -1.79 -4.27 -4.02
C THR A 33 -2.98 -3.72 -3.22
N TRP A 34 -3.34 -4.43 -2.16
CA TRP A 34 -4.46 -4.02 -1.32
C TRP A 34 -3.98 -3.70 0.10
N GLU A 35 -3.92 -2.41 0.43
CA GLU A 35 -3.48 -1.99 1.74
C GLU A 35 -2.33 -2.84 2.24
N ARG A 36 -1.40 -3.16 1.34
CA ARG A 36 -0.25 -3.98 1.69
C ARG A 36 0.83 -3.87 0.61
N PRO A 37 1.90 -3.12 0.93
CA PRO A 37 3.02 -2.92 0.01
C PRO A 37 3.85 -4.20 -0.19
N SER A 38 3.50 -4.97 -1.20
CA SER A 38 4.19 -6.21 -1.50
C SER A 38 3.85 -6.71 -2.90
N SER A 39 4.80 -7.41 -3.52
CA SER A 39 4.60 -7.94 -4.87
C SER A 39 5.06 -9.40 -4.94
N SER A 40 4.61 -10.10 -5.98
CA SER A 40 4.97 -11.50 -6.18
C SER A 40 5.75 -11.67 -7.48
N GLY A 1 -12.64 -6.93 16.07
CA GLY A 1 -12.42 -8.36 15.89
C GLY A 1 -11.64 -8.67 14.63
N SER A 2 -10.65 -7.83 14.31
CA SER A 2 -9.84 -8.03 13.12
C SER A 2 -8.42 -7.49 13.34
N SER A 3 -7.44 -8.25 12.88
CA SER A 3 -6.04 -7.85 13.03
C SER A 3 -5.52 -7.24 11.74
N GLY A 4 -4.83 -6.10 11.88
CA GLY A 4 -4.28 -5.43 10.71
C GLY A 4 -2.84 -5.00 10.91
N SER A 5 -2.24 -4.42 9.87
CA SER A 5 -0.86 -3.97 9.93
C SER A 5 -0.77 -2.47 9.70
N SER A 6 0.01 -1.79 10.54
CA SER A 6 0.18 -0.35 10.42
C SER A 6 1.66 0.02 10.31
N GLY A 7 2.21 -0.14 9.11
CA GLY A 7 3.61 0.18 8.89
C GLY A 7 4.10 -0.28 7.53
N LEU A 8 4.35 0.68 6.64
CA LEU A 8 4.83 0.37 5.30
C LEU A 8 6.27 0.81 5.13
N PRO A 9 6.99 0.12 4.23
CA PRO A 9 8.40 0.43 3.94
C PRO A 9 8.57 1.75 3.20
N PRO A 10 9.76 2.37 3.35
CA PRO A 10 10.07 3.64 2.70
C PRO A 10 10.21 3.50 1.19
N GLY A 11 9.12 3.74 0.48
CA GLY A 11 9.15 3.64 -0.97
C GLY A 11 7.77 3.39 -1.56
N TRP A 12 6.88 2.84 -0.76
CA TRP A 12 5.52 2.54 -1.20
C TRP A 12 4.59 3.73 -0.94
N GLN A 13 3.71 4.01 -1.90
CA GLN A 13 2.78 5.12 -1.76
C GLN A 13 1.37 4.62 -1.45
N SER A 14 0.62 5.41 -0.69
CA SER A 14 -0.73 5.04 -0.31
C SER A 14 -1.76 5.90 -1.04
N TYR A 15 -2.60 5.26 -1.84
CA TYR A 15 -3.62 5.97 -2.60
C TYR A 15 -5.02 5.55 -2.15
N LEU A 16 -6.03 6.19 -2.71
CA LEU A 16 -7.42 5.89 -2.37
C LEU A 16 -8.21 5.50 -3.61
N SER A 17 -9.05 4.48 -3.47
CA SER A 17 -9.87 4.01 -4.58
C SER A 17 -10.89 5.07 -5.00
N PRO A 18 -11.38 4.96 -6.24
CA PRO A 18 -12.36 5.90 -6.79
C PRO A 18 -13.73 5.76 -6.14
N GLN A 19 -13.79 4.97 -5.07
CA GLN A 19 -15.04 4.75 -4.35
C GLN A 19 -14.93 5.24 -2.91
N GLY A 20 -13.72 5.22 -2.37
CA GLY A 20 -13.49 5.66 -1.01
C GLY A 20 -12.52 4.77 -0.26
N ARG A 21 -12.39 3.53 -0.71
CA ARG A 21 -11.49 2.57 -0.07
C ARG A 21 -10.04 3.05 -0.16
N ARG A 22 -9.18 2.45 0.65
CA ARG A 22 -7.77 2.83 0.67
C ARG A 22 -6.89 1.64 0.29
N TYR A 23 -6.01 1.84 -0.68
CA TYR A 23 -5.12 0.79 -1.13
C TYR A 23 -3.72 1.34 -1.42
N TYR A 24 -2.76 0.44 -1.62
CA TYR A 24 -1.39 0.83 -1.89
C TYR A 24 -1.00 0.49 -3.32
N VAL A 25 -0.05 1.22 -3.87
CA VAL A 25 0.42 0.99 -5.23
C VAL A 25 1.90 1.33 -5.38
N ASN A 26 2.66 0.41 -5.95
CA ASN A 26 4.09 0.60 -6.14
C ASN A 26 4.36 1.43 -7.40
N THR A 27 5.43 2.21 -7.37
CA THR A 27 5.80 3.06 -8.50
C THR A 27 6.86 2.38 -9.36
N THR A 28 7.93 1.92 -8.71
CA THR A 28 9.02 1.26 -9.41
C THR A 28 8.54 0.03 -10.16
N THR A 29 8.09 -0.98 -9.41
CA THR A 29 7.59 -2.21 -10.01
C THR A 29 6.30 -1.97 -10.77
N ASN A 30 5.49 -1.03 -10.29
CA ASN A 30 4.23 -0.70 -10.93
C ASN A 30 3.19 -1.79 -10.68
N GLU A 31 3.13 -2.27 -9.43
CA GLU A 31 2.19 -3.31 -9.06
C GLU A 31 1.08 -2.75 -8.15
N THR A 32 -0.10 -3.35 -8.24
CA THR A 32 -1.23 -2.91 -7.43
C THR A 32 -1.51 -3.88 -6.29
N THR A 33 -1.78 -3.34 -5.11
CA THR A 33 -2.05 -4.16 -3.93
C THR A 33 -3.18 -3.56 -3.10
N TRP A 34 -3.57 -4.27 -2.05
CA TRP A 34 -4.64 -3.80 -1.17
C TRP A 34 -4.11 -3.58 0.25
N GLU A 35 -3.95 -2.31 0.63
CA GLU A 35 -3.47 -1.97 1.95
C GLU A 35 -2.36 -2.94 2.40
N ARG A 36 -1.48 -3.27 1.47
CA ARG A 36 -0.38 -4.19 1.76
C ARG A 36 0.66 -4.17 0.65
N PRO A 37 1.80 -3.51 0.91
CA PRO A 37 2.90 -3.40 -0.04
C PRO A 37 3.60 -4.74 -0.29
N SER A 38 4.78 -4.67 -0.90
CA SER A 38 5.55 -5.87 -1.19
C SER A 38 7.04 -5.63 -0.96
N SER A 39 7.83 -6.69 -1.10
CA SER A 39 9.28 -6.60 -0.89
C SER A 39 10.02 -6.97 -2.17
N SER A 40 9.65 -8.10 -2.76
CA SER A 40 10.29 -8.58 -3.99
C SER A 40 9.52 -8.11 -5.21
N GLY A 1 -4.82 -3.21 8.58
CA GLY A 1 -4.21 -3.75 9.79
C GLY A 1 -5.04 -3.47 11.03
N SER A 2 -5.46 -4.53 11.72
CA SER A 2 -6.26 -4.40 12.92
C SER A 2 -5.46 -4.82 14.16
N SER A 3 -5.56 -4.03 15.22
CA SER A 3 -4.85 -4.33 16.46
C SER A 3 -3.35 -4.49 16.21
N GLY A 4 -2.81 -3.62 15.37
CA GLY A 4 -1.39 -3.69 15.05
C GLY A 4 -0.93 -2.51 14.22
N SER A 5 0.23 -1.97 14.55
CA SER A 5 0.79 -0.83 13.82
C SER A 5 1.30 -1.26 12.45
N SER A 6 0.94 -0.50 11.43
CA SER A 6 1.35 -0.80 10.06
C SER A 6 2.20 0.33 9.49
N GLY A 7 3.52 0.12 9.47
CA GLY A 7 4.42 1.12 8.95
C GLY A 7 5.06 0.70 7.65
N LEU A 8 4.35 0.93 6.55
CA LEU A 8 4.86 0.58 5.23
C LEU A 8 6.31 1.00 5.06
N PRO A 9 7.04 0.28 4.21
CA PRO A 9 8.47 0.56 3.95
C PRO A 9 8.66 1.87 3.17
N PRO A 10 9.86 2.46 3.29
CA PRO A 10 10.20 3.70 2.60
C PRO A 10 10.33 3.52 1.10
N GLY A 11 9.21 3.69 0.39
CA GLY A 11 9.23 3.55 -1.06
C GLY A 11 7.85 3.32 -1.63
N TRP A 12 6.95 2.76 -0.82
CA TRP A 12 5.58 2.49 -1.26
C TRP A 12 4.68 3.70 -1.00
N GLN A 13 3.78 3.96 -1.94
CA GLN A 13 2.86 5.09 -1.82
C GLN A 13 1.47 4.61 -1.44
N SER A 14 0.72 5.45 -0.72
CA SER A 14 -0.63 5.11 -0.29
C SER A 14 -1.65 6.00 -0.98
N TYR A 15 -2.59 5.39 -1.68
CA TYR A 15 -3.62 6.14 -2.39
C TYR A 15 -5.01 5.65 -2.00
N LEU A 16 -6.04 6.28 -2.54
CA LEU A 16 -7.41 5.91 -2.24
C LEU A 16 -8.19 5.58 -3.52
N SER A 17 -8.99 4.53 -3.47
CA SER A 17 -9.78 4.12 -4.63
C SER A 17 -10.83 5.16 -4.97
N PRO A 18 -11.30 5.14 -6.23
CA PRO A 18 -12.31 6.08 -6.72
C PRO A 18 -13.68 5.83 -6.10
N GLN A 19 -13.72 4.97 -5.08
CA GLN A 19 -14.97 4.64 -4.40
C GLN A 19 -14.91 5.02 -2.93
N GLY A 20 -13.69 5.13 -2.40
CA GLY A 20 -13.51 5.48 -1.01
C GLY A 20 -12.56 4.56 -0.28
N ARG A 21 -12.40 3.35 -0.81
CA ARG A 21 -11.50 2.37 -0.21
C ARG A 21 -10.05 2.84 -0.27
N ARG A 22 -9.20 2.21 0.52
CA ARG A 22 -7.78 2.57 0.56
C ARG A 22 -6.91 1.41 0.07
N TYR A 23 -6.00 1.70 -0.85
CA TYR A 23 -5.11 0.68 -1.39
C TYR A 23 -3.73 1.26 -1.68
N TYR A 24 -2.73 0.40 -1.72
CA TYR A 24 -1.35 0.83 -1.98
C TYR A 24 -0.92 0.44 -3.39
N VAL A 25 -0.06 1.27 -3.98
CA VAL A 25 0.44 1.02 -5.33
C VAL A 25 1.89 1.46 -5.47
N ASN A 26 2.73 0.54 -5.93
CA ASN A 26 4.15 0.84 -6.10
C ASN A 26 4.38 1.63 -7.39
N THR A 27 5.45 2.42 -7.41
CA THR A 27 5.78 3.23 -8.57
C THR A 27 6.85 2.56 -9.42
N THR A 28 7.87 2.02 -8.77
CA THR A 28 8.96 1.35 -9.46
C THR A 28 8.46 0.10 -10.20
N THR A 29 8.06 -0.90 -9.43
CA THR A 29 7.57 -2.15 -10.01
C THR A 29 6.16 -1.96 -10.58
N ASN A 30 5.52 -0.86 -10.20
CA ASN A 30 4.17 -0.57 -10.68
C ASN A 30 3.22 -1.74 -10.39
N GLU A 31 3.27 -2.24 -9.16
CA GLU A 31 2.42 -3.35 -8.76
C GLU A 31 1.27 -2.87 -7.89
N THR A 32 0.08 -3.42 -8.12
CA THR A 32 -1.10 -3.05 -7.37
C THR A 32 -1.33 -3.99 -6.20
N THR A 33 -1.63 -3.42 -5.03
CA THR A 33 -1.88 -4.22 -3.83
C THR A 33 -3.05 -3.66 -3.03
N TRP A 34 -3.41 -4.36 -1.96
CA TRP A 34 -4.51 -3.93 -1.10
C TRP A 34 -4.02 -3.66 0.32
N GLU A 35 -3.93 -2.39 0.67
CA GLU A 35 -3.48 -1.99 2.01
C GLU A 35 -2.34 -2.89 2.47
N ARG A 36 -1.42 -3.19 1.57
CA ARG A 36 -0.28 -4.05 1.90
C ARG A 36 0.77 -4.01 0.78
N PRO A 37 1.87 -3.29 1.04
CA PRO A 37 2.97 -3.16 0.08
C PRO A 37 3.74 -4.46 -0.12
N SER A 38 3.35 -5.23 -1.13
CA SER A 38 4.00 -6.49 -1.42
C SER A 38 5.51 -6.33 -1.45
N SER A 39 6.17 -6.76 -0.37
CA SER A 39 7.62 -6.66 -0.27
C SER A 39 8.29 -7.76 -1.08
N SER A 40 7.93 -9.01 -0.80
CA SER A 40 8.51 -10.14 -1.50
C SER A 40 8.25 -10.05 -3.00
N GLY A 1 11.62 -6.72 19.66
CA GLY A 1 10.38 -7.23 20.19
C GLY A 1 9.24 -6.23 20.10
N SER A 2 8.92 -5.80 18.88
CA SER A 2 7.85 -4.84 18.67
C SER A 2 6.52 -5.54 18.44
N SER A 3 5.73 -5.66 19.51
CA SER A 3 4.43 -6.31 19.43
C SER A 3 3.38 -5.36 18.88
N GLY A 4 3.73 -4.68 17.79
CA GLY A 4 2.80 -3.75 17.17
C GLY A 4 3.50 -2.75 16.28
N SER A 5 3.90 -3.18 15.09
CA SER A 5 4.59 -2.31 14.14
C SER A 5 3.87 -2.29 12.80
N SER A 6 2.91 -1.38 12.66
CA SER A 6 2.14 -1.27 11.43
C SER A 6 2.60 -0.05 10.62
N GLY A 7 3.63 -0.24 9.81
CA GLY A 7 4.15 0.84 9.00
C GLY A 7 4.74 0.36 7.69
N LEU A 8 4.32 0.98 6.59
CA LEU A 8 4.82 0.61 5.26
C LEU A 8 6.27 1.02 5.09
N PRO A 9 7.00 0.29 4.23
CA PRO A 9 8.41 0.56 3.95
C PRO A 9 8.60 1.85 3.16
N PRO A 10 9.80 2.43 3.26
CA PRO A 10 10.14 3.68 2.56
C PRO A 10 10.26 3.47 1.04
N GLY A 11 9.16 3.71 0.33
CA GLY A 11 9.17 3.55 -1.11
C GLY A 11 7.78 3.33 -1.67
N TRP A 12 6.90 2.76 -0.86
CA TRP A 12 5.53 2.48 -1.28
C TRP A 12 4.63 3.69 -1.05
N GLN A 13 3.74 3.95 -1.99
CA GLN A 13 2.82 5.08 -1.87
C GLN A 13 1.43 4.61 -1.47
N SER A 14 0.73 5.43 -0.69
CA SER A 14 -0.61 5.10 -0.24
C SER A 14 -1.66 5.97 -0.93
N TYR A 15 -2.52 5.33 -1.72
CA TYR A 15 -3.56 6.05 -2.44
C TYR A 15 -4.95 5.56 -2.02
N LEU A 16 -5.98 6.18 -2.58
CA LEU A 16 -7.36 5.82 -2.26
C LEU A 16 -8.15 5.52 -3.53
N SER A 17 -8.96 4.47 -3.48
CA SER A 17 -9.77 4.08 -4.64
C SER A 17 -10.82 5.13 -4.95
N PRO A 18 -11.32 5.12 -6.19
CA PRO A 18 -12.33 6.08 -6.65
C PRO A 18 -13.69 5.83 -6.00
N GLN A 19 -13.73 4.94 -5.02
CA GLN A 19 -14.95 4.61 -4.32
C GLN A 19 -14.88 5.03 -2.86
N GLY A 20 -13.66 5.08 -2.33
CA GLY A 20 -13.47 5.46 -0.93
C GLY A 20 -12.49 4.56 -0.21
N ARG A 21 -12.33 3.34 -0.73
CA ARG A 21 -11.41 2.38 -0.12
C ARG A 21 -9.97 2.85 -0.24
N ARG A 22 -9.09 2.25 0.56
CA ARG A 22 -7.68 2.60 0.54
C ARG A 22 -6.83 1.44 0.01
N TYR A 23 -5.92 1.75 -0.92
CA TYR A 23 -5.06 0.73 -1.50
C TYR A 23 -3.67 1.29 -1.78
N TYR A 24 -2.68 0.42 -1.79
CA TYR A 24 -1.30 0.83 -2.04
C TYR A 24 -0.86 0.43 -3.45
N VAL A 25 0.00 1.24 -4.05
CA VAL A 25 0.51 0.97 -5.39
C VAL A 25 1.96 1.41 -5.54
N ASN A 26 2.80 0.49 -5.99
CA ASN A 26 4.23 0.78 -6.17
C ASN A 26 4.46 1.58 -7.45
N THR A 27 5.48 2.42 -7.44
CA THR A 27 5.82 3.25 -8.60
C THR A 27 6.89 2.58 -9.45
N THR A 28 8.00 2.22 -8.82
CA THR A 28 9.11 1.58 -9.52
C THR A 28 8.66 0.27 -10.16
N THR A 29 8.15 -0.65 -9.36
CA THR A 29 7.69 -1.94 -9.85
C THR A 29 6.36 -1.80 -10.58
N ASN A 30 5.49 -0.93 -10.07
CA ASN A 30 4.19 -0.70 -10.67
C ASN A 30 3.24 -1.87 -10.39
N GLU A 31 3.21 -2.31 -9.13
CA GLU A 31 2.36 -3.42 -8.73
C GLU A 31 1.20 -2.92 -7.86
N THR A 32 0.00 -3.46 -8.12
CA THR A 32 -1.18 -3.08 -7.37
C THR A 32 -1.42 -4.01 -6.19
N THR A 33 -1.72 -3.43 -5.03
CA THR A 33 -1.97 -4.23 -3.83
C THR A 33 -3.12 -3.65 -3.03
N TRP A 34 -3.49 -4.33 -1.95
CA TRP A 34 -4.59 -3.89 -1.10
C TRP A 34 -4.10 -3.61 0.32
N GLU A 35 -3.99 -2.33 0.67
CA GLU A 35 -3.54 -1.94 2.00
C GLU A 35 -2.41 -2.84 2.48
N ARG A 36 -1.50 -3.17 1.57
CA ARG A 36 -0.36 -4.03 1.89
C ARG A 36 0.69 -3.99 0.79
N PRO A 37 1.80 -3.29 1.05
CA PRO A 37 2.90 -3.15 0.09
C PRO A 37 3.66 -4.47 -0.11
N SER A 38 3.22 -5.25 -1.09
CA SER A 38 3.87 -6.53 -1.37
C SER A 38 5.38 -6.40 -1.37
N SER A 39 6.03 -7.00 -0.37
CA SER A 39 7.48 -6.95 -0.27
C SER A 39 8.11 -8.30 -0.61
N SER A 40 9.20 -8.25 -1.36
CA SER A 40 9.89 -9.46 -1.77
C SER A 40 11.40 -9.24 -1.82
N GLY A 1 -10.10 -11.73 12.68
CA GLY A 1 -10.12 -10.34 12.25
C GLY A 1 -8.75 -9.70 12.28
N SER A 2 -8.30 -9.21 11.12
CA SER A 2 -7.00 -8.56 11.02
C SER A 2 -7.14 -7.07 10.74
N SER A 3 -6.99 -6.27 11.78
CA SER A 3 -7.10 -4.82 11.64
C SER A 3 -6.15 -4.10 12.60
N GLY A 4 -5.88 -2.84 12.32
CA GLY A 4 -4.99 -2.06 13.17
C GLY A 4 -4.06 -1.17 12.37
N SER A 5 -3.03 -0.65 13.03
CA SER A 5 -2.06 0.22 12.37
C SER A 5 -1.18 -0.57 11.41
N SER A 6 -0.35 0.14 10.66
CA SER A 6 0.54 -0.49 9.69
C SER A 6 1.64 0.48 9.24
N GLY A 7 2.89 0.09 9.46
CA GLY A 7 4.00 0.92 9.07
C GLY A 7 4.66 0.47 7.78
N LEU A 8 4.17 0.98 6.65
CA LEU A 8 4.70 0.62 5.35
C LEU A 8 6.16 1.08 5.22
N PRO A 9 6.93 0.36 4.40
CA PRO A 9 8.34 0.68 4.15
C PRO A 9 8.52 1.96 3.35
N PRO A 10 9.70 2.58 3.49
CA PRO A 10 10.02 3.83 2.79
C PRO A 10 10.20 3.62 1.30
N GLY A 11 9.12 3.83 0.54
CA GLY A 11 9.19 3.66 -0.90
C GLY A 11 7.83 3.36 -1.51
N TRP A 12 6.94 2.81 -0.70
CA TRP A 12 5.59 2.48 -1.16
C TRP A 12 4.64 3.66 -0.99
N GLN A 13 3.75 3.86 -1.95
CA GLN A 13 2.78 4.95 -1.90
C GLN A 13 1.40 4.44 -1.49
N SER A 14 0.61 5.32 -0.91
CA SER A 14 -0.74 4.96 -0.47
C SER A 14 -1.78 5.86 -1.13
N TYR A 15 -2.63 5.26 -1.97
CA TYR A 15 -3.67 6.00 -2.66
C TYR A 15 -5.06 5.58 -2.19
N LEU A 16 -6.08 6.23 -2.72
CA LEU A 16 -7.46 5.92 -2.35
C LEU A 16 -8.28 5.53 -3.57
N SER A 17 -9.08 4.49 -3.43
CA SER A 17 -9.90 4.00 -4.53
C SER A 17 -10.98 5.03 -4.89
N PRO A 18 -11.50 4.93 -6.12
CA PRO A 18 -12.54 5.84 -6.62
C PRO A 18 -13.88 5.62 -5.91
N GLN A 19 -13.86 4.81 -4.86
CA GLN A 19 -15.08 4.52 -4.11
C GLN A 19 -14.94 4.97 -2.66
N GLY A 20 -13.70 5.16 -2.21
CA GLY A 20 -13.46 5.59 -0.86
C GLY A 20 -12.46 4.69 -0.14
N ARG A 21 -12.33 3.46 -0.61
CA ARG A 21 -11.42 2.50 -0.01
C ARG A 21 -9.97 2.98 -0.13
N ARG A 22 -9.09 2.38 0.66
CA ARG A 22 -7.67 2.74 0.63
C ARG A 22 -6.82 1.58 0.12
N TYR A 23 -5.95 1.88 -0.83
CA TYR A 23 -5.07 0.86 -1.41
C TYR A 23 -3.68 1.42 -1.67
N TYR A 24 -2.69 0.53 -1.73
CA TYR A 24 -1.31 0.94 -1.97
C TYR A 24 -0.88 0.58 -3.38
N VAL A 25 0.16 1.26 -3.87
CA VAL A 25 0.67 1.00 -5.21
C VAL A 25 2.15 1.37 -5.31
N ASN A 26 2.95 0.43 -5.81
CA ASN A 26 4.39 0.66 -5.95
C ASN A 26 4.70 1.26 -7.31
N THR A 27 5.67 2.17 -7.34
CA THR A 27 6.07 2.82 -8.58
C THR A 27 7.26 2.11 -9.22
N THR A 28 8.02 1.39 -8.39
CA THR A 28 9.19 0.67 -8.88
C THR A 28 8.81 -0.29 -10.01
N THR A 29 7.78 -1.09 -9.77
CA THR A 29 7.32 -2.06 -10.77
C THR A 29 5.83 -1.86 -11.07
N ASN A 30 5.32 -0.67 -10.79
CA ASN A 30 3.92 -0.36 -11.03
C ASN A 30 3.03 -1.52 -10.61
N GLU A 31 3.30 -2.07 -9.44
CA GLU A 31 2.52 -3.20 -8.92
C GLU A 31 1.39 -2.70 -8.03
N THR A 32 0.19 -3.24 -8.25
CA THR A 32 -0.98 -2.85 -7.47
C THR A 32 -1.22 -3.82 -6.32
N THR A 33 -1.54 -3.28 -5.15
CA THR A 33 -1.79 -4.09 -3.97
C THR A 33 -2.98 -3.55 -3.18
N TRP A 34 -3.35 -4.27 -2.13
CA TRP A 34 -4.46 -3.86 -1.28
C TRP A 34 -4.01 -3.62 0.16
N GLU A 35 -3.93 -2.36 0.54
CA GLU A 35 -3.50 -2.00 1.90
C GLU A 35 -2.36 -2.91 2.37
N ARG A 36 -1.42 -3.18 1.46
CA ARG A 36 -0.29 -4.03 1.79
C ARG A 36 0.78 -3.94 0.69
N PRO A 37 1.87 -3.23 1.00
CA PRO A 37 2.99 -3.05 0.06
C PRO A 37 3.77 -4.34 -0.16
N SER A 38 3.38 -5.11 -1.17
CA SER A 38 4.04 -6.36 -1.48
C SER A 38 5.55 -6.23 -1.32
N SER A 39 6.22 -7.37 -1.18
CA SER A 39 7.67 -7.40 -1.01
C SER A 39 8.32 -8.36 -2.00
N SER A 40 7.90 -9.61 -1.95
CA SER A 40 8.45 -10.63 -2.84
C SER A 40 7.38 -11.68 -3.19
N GLY A 1 -0.37 -15.12 11.72
CA GLY A 1 0.99 -14.98 11.24
C GLY A 1 1.68 -13.76 11.81
N SER A 2 0.99 -12.63 11.79
CA SER A 2 1.55 -11.38 12.30
C SER A 2 0.64 -10.77 13.37
N SER A 3 1.25 -10.21 14.40
CA SER A 3 0.49 -9.59 15.49
C SER A 3 -0.39 -8.47 14.96
N GLY A 4 0.24 -7.44 14.40
CA GLY A 4 -0.50 -6.31 13.86
C GLY A 4 0.31 -5.03 13.86
N SER A 5 1.48 -5.07 13.22
CA SER A 5 2.35 -3.91 13.16
C SER A 5 2.12 -3.13 11.85
N SER A 6 1.61 -1.92 11.99
CA SER A 6 1.33 -1.07 10.84
C SER A 6 2.52 -0.16 10.54
N GLY A 7 3.08 -0.29 9.34
CA GLY A 7 4.21 0.53 8.96
C GLY A 7 4.80 0.12 7.62
N LEU A 8 4.30 0.73 6.55
CA LEU A 8 4.79 0.42 5.21
C LEU A 8 6.23 0.85 5.03
N PRO A 9 6.95 0.16 4.13
CA PRO A 9 8.36 0.45 3.85
C PRO A 9 8.54 1.78 3.13
N PRO A 10 9.74 2.37 3.26
CA PRO A 10 10.06 3.66 2.62
C PRO A 10 10.19 3.53 1.11
N GLY A 11 9.08 3.77 0.41
CA GLY A 11 9.09 3.68 -1.04
C GLY A 11 7.71 3.47 -1.61
N TRP A 12 6.81 2.89 -0.81
CA TRP A 12 5.45 2.62 -1.24
C TRP A 12 4.55 3.83 -0.98
N GLN A 13 3.68 4.13 -1.93
CA GLN A 13 2.76 5.26 -1.80
C GLN A 13 1.36 4.78 -1.46
N SER A 14 0.64 5.56 -0.65
CA SER A 14 -0.71 5.21 -0.25
C SER A 14 -1.73 6.07 -0.98
N TYR A 15 -2.65 5.43 -1.68
CA TYR A 15 -3.69 6.13 -2.44
C TYR A 15 -5.07 5.66 -2.03
N LEU A 16 -6.10 6.37 -2.50
CA LEU A 16 -7.48 6.02 -2.19
C LEU A 16 -8.25 5.68 -3.46
N SER A 17 -9.08 4.65 -3.38
CA SER A 17 -9.88 4.23 -4.53
C SER A 17 -10.92 5.29 -4.88
N PRO A 18 -11.40 5.25 -6.14
CA PRO A 18 -12.40 6.20 -6.63
C PRO A 18 -13.77 5.98 -5.99
N GLN A 19 -13.82 5.14 -4.96
CA GLN A 19 -15.06 4.85 -4.27
C GLN A 19 -14.95 5.21 -2.78
N GLY A 20 -13.72 5.29 -2.29
CA GLY A 20 -13.50 5.62 -0.90
C GLY A 20 -12.52 4.67 -0.23
N ARG A 21 -12.45 3.45 -0.74
CA ARG A 21 -11.54 2.44 -0.18
C ARG A 21 -10.10 2.93 -0.22
N ARG A 22 -9.23 2.24 0.52
CA ARG A 22 -7.81 2.61 0.57
C ARG A 22 -6.94 1.43 0.14
N TYR A 23 -6.04 1.70 -0.81
CA TYR A 23 -5.14 0.67 -1.32
C TYR A 23 -3.75 1.24 -1.57
N TYR A 24 -2.79 0.35 -1.77
CA TYR A 24 -1.41 0.75 -2.02
C TYR A 24 -0.98 0.39 -3.44
N VAL A 25 -0.09 1.19 -4.01
CA VAL A 25 0.40 0.95 -5.36
C VAL A 25 1.88 1.33 -5.48
N ASN A 26 2.67 0.38 -5.99
CA ASN A 26 4.10 0.62 -6.16
C ASN A 26 4.38 1.38 -7.45
N THR A 27 5.42 2.22 -7.42
CA THR A 27 5.80 2.99 -8.59
C THR A 27 6.95 2.33 -9.35
N THR A 28 7.91 1.81 -8.61
CA THR A 28 9.07 1.16 -9.21
C THR A 28 8.64 -0.03 -10.07
N THR A 29 8.12 -1.07 -9.42
CA THR A 29 7.67 -2.26 -10.12
C THR A 29 6.33 -2.03 -10.79
N ASN A 30 5.58 -1.04 -10.30
CA ASN A 30 4.27 -0.72 -10.85
C ASN A 30 3.28 -1.85 -10.58
N GLU A 31 3.26 -2.34 -9.34
CA GLU A 31 2.36 -3.41 -8.95
C GLU A 31 1.22 -2.88 -8.08
N THR A 32 0.04 -3.48 -8.23
CA THR A 32 -1.13 -3.07 -7.48
C THR A 32 -1.40 -4.04 -6.32
N THR A 33 -1.66 -3.48 -5.14
CA THR A 33 -1.93 -4.29 -3.96
C THR A 33 -3.10 -3.71 -3.16
N TRP A 34 -3.48 -4.41 -2.11
CA TRP A 34 -4.58 -3.97 -1.25
C TRP A 34 -4.09 -3.71 0.17
N GLU A 35 -3.99 -2.44 0.53
CA GLU A 35 -3.54 -2.06 1.86
C GLU A 35 -2.43 -2.98 2.34
N ARG A 36 -1.50 -3.31 1.45
CA ARG A 36 -0.39 -4.19 1.78
C ARG A 36 0.67 -4.17 0.68
N PRO A 37 1.79 -3.48 0.95
CA PRO A 37 2.89 -3.37 0.00
C PRO A 37 3.64 -4.69 -0.19
N SER A 38 4.78 -4.63 -0.86
CA SER A 38 5.58 -5.82 -1.12
C SER A 38 6.95 -5.71 -0.43
N SER A 39 7.59 -6.86 -0.23
CA SER A 39 8.89 -6.90 0.42
C SER A 39 9.90 -7.65 -0.45
N SER A 40 11.11 -7.10 -0.54
CA SER A 40 12.17 -7.70 -1.33
C SER A 40 12.20 -9.21 -1.13
N GLY A 1 -5.52 -7.00 10.67
CA GLY A 1 -4.68 -8.16 10.46
C GLY A 1 -3.54 -8.23 11.46
N SER A 2 -2.70 -9.26 11.31
CA SER A 2 -1.57 -9.44 12.22
C SER A 2 -0.41 -8.54 11.83
N SER A 3 0.07 -8.69 10.59
CA SER A 3 1.19 -7.90 10.10
C SER A 3 0.74 -7.03 8.91
N GLY A 4 1.45 -5.93 8.70
CA GLY A 4 1.12 -5.03 7.60
C GLY A 4 -0.02 -4.10 7.94
N SER A 5 0.10 -3.40 9.06
CA SER A 5 -0.94 -2.47 9.50
C SER A 5 -0.32 -1.14 9.92
N SER A 6 -0.95 -0.04 9.48
CA SER A 6 -0.47 1.30 9.80
C SER A 6 1.05 1.34 9.82
N GLY A 7 1.67 0.66 8.84
CA GLY A 7 3.11 0.63 8.76
C GLY A 7 3.62 0.14 7.43
N LEU A 8 4.19 1.04 6.64
CA LEU A 8 4.71 0.69 5.32
C LEU A 8 6.17 1.12 5.18
N PRO A 9 6.92 0.41 4.33
CA PRO A 9 8.33 0.70 4.07
C PRO A 9 8.53 2.00 3.31
N PRO A 10 9.72 2.61 3.48
CA PRO A 10 10.05 3.87 2.81
C PRO A 10 10.24 3.70 1.31
N GLY A 11 9.14 3.81 0.57
CA GLY A 11 9.21 3.66 -0.88
C GLY A 11 7.84 3.45 -1.50
N TRP A 12 6.93 2.85 -0.74
CA TRP A 12 5.58 2.59 -1.22
C TRP A 12 4.68 3.80 -1.00
N GLN A 13 3.75 4.01 -1.93
CA GLN A 13 2.83 5.14 -1.84
C GLN A 13 1.44 4.67 -1.42
N SER A 14 0.66 5.59 -0.85
CA SER A 14 -0.69 5.27 -0.40
C SER A 14 -1.73 6.13 -1.12
N TYR A 15 -2.67 5.46 -1.78
CA TYR A 15 -3.72 6.15 -2.52
C TYR A 15 -5.10 5.69 -2.08
N LEU A 16 -6.13 6.35 -2.59
CA LEU A 16 -7.51 6.01 -2.24
C LEU A 16 -8.32 5.68 -3.49
N SER A 17 -9.10 4.60 -3.41
CA SER A 17 -9.93 4.17 -4.53
C SER A 17 -11.01 5.21 -4.82
N PRO A 18 -11.55 5.16 -6.06
CA PRO A 18 -12.60 6.08 -6.49
C PRO A 18 -13.93 5.81 -5.80
N GLN A 19 -13.92 4.89 -4.85
CA GLN A 19 -15.12 4.53 -4.10
C GLN A 19 -15.01 4.93 -2.64
N GLY A 20 -13.77 5.10 -2.17
CA GLY A 20 -13.55 5.48 -0.79
C GLY A 20 -12.72 4.47 -0.04
N ARG A 21 -12.05 3.59 -0.77
CA ARG A 21 -11.21 2.56 -0.16
C ARG A 21 -9.75 3.00 -0.14
N ARG A 22 -8.95 2.32 0.68
CA ARG A 22 -7.52 2.64 0.80
C ARG A 22 -6.67 1.49 0.27
N TYR A 23 -5.94 1.76 -0.81
CA TYR A 23 -5.07 0.75 -1.41
C TYR A 23 -3.69 1.32 -1.69
N TYR A 24 -2.72 0.43 -1.86
CA TYR A 24 -1.34 0.84 -2.12
C TYR A 24 -0.93 0.45 -3.54
N VAL A 25 0.01 1.21 -4.10
CA VAL A 25 0.50 0.94 -5.45
C VAL A 25 1.99 1.29 -5.57
N ASN A 26 2.78 0.31 -5.99
CA ASN A 26 4.22 0.51 -6.15
C ASN A 26 4.52 1.30 -7.41
N THR A 27 5.53 2.16 -7.34
CA THR A 27 5.92 2.98 -8.48
C THR A 27 7.03 2.31 -9.28
N THR A 28 8.07 1.87 -8.60
CA THR A 28 9.19 1.21 -9.25
C THR A 28 8.73 -0.02 -10.03
N THR A 29 8.20 -1.01 -9.31
CA THR A 29 7.73 -2.23 -9.93
C THR A 29 6.43 -1.99 -10.70
N ASN A 30 5.61 -1.08 -10.20
CA ASN A 30 4.35 -0.75 -10.84
C ASN A 30 3.32 -1.86 -10.61
N GLU A 31 3.30 -2.39 -9.39
CA GLU A 31 2.36 -3.45 -9.04
C GLU A 31 1.24 -2.92 -8.15
N THR A 32 0.05 -3.47 -8.32
CA THR A 32 -1.10 -3.06 -7.52
C THR A 32 -1.35 -4.01 -6.37
N THR A 33 -1.65 -3.45 -5.19
CA THR A 33 -1.91 -4.26 -4.00
C THR A 33 -3.06 -3.68 -3.19
N TRP A 34 -3.43 -4.38 -2.13
CA TRP A 34 -4.53 -3.93 -1.27
C TRP A 34 -4.02 -3.65 0.15
N GLU A 35 -3.92 -2.37 0.49
CA GLU A 35 -3.45 -1.97 1.82
C GLU A 35 -2.31 -2.87 2.29
N ARG A 36 -1.41 -3.20 1.38
CA ARG A 36 -0.28 -4.07 1.70
C ARG A 36 0.77 -4.01 0.60
N PRO A 37 1.87 -3.31 0.86
CA PRO A 37 2.98 -3.18 -0.10
C PRO A 37 3.74 -4.47 -0.30
N SER A 38 3.33 -5.25 -1.31
CA SER A 38 3.99 -6.52 -1.60
C SER A 38 5.48 -6.45 -1.31
N SER A 39 5.92 -7.21 -0.32
CA SER A 39 7.32 -7.23 0.07
C SER A 39 7.97 -8.55 -0.35
N SER A 40 7.31 -9.66 -0.05
CA SER A 40 7.82 -10.98 -0.39
C SER A 40 7.55 -11.32 -1.85
N GLY A 1 -0.05 -0.69 22.01
CA GLY A 1 -1.38 -0.47 21.49
C GLY A 1 -2.32 -1.63 21.78
N SER A 2 -3.10 -2.02 20.79
CA SER A 2 -4.04 -3.12 20.94
C SER A 2 -3.57 -4.36 20.18
N SER A 3 -3.14 -4.15 18.92
CA SER A 3 -2.67 -5.24 18.10
C SER A 3 -1.15 -5.16 17.90
N GLY A 4 -0.64 -3.93 17.86
CA GLY A 4 0.79 -3.74 17.67
C GLY A 4 1.11 -2.43 16.98
N SER A 5 2.31 -2.34 16.41
CA SER A 5 2.74 -1.13 15.72
C SER A 5 3.59 -1.48 14.51
N SER A 6 3.02 -1.31 13.33
CA SER A 6 3.72 -1.61 12.08
C SER A 6 3.37 -0.58 11.01
N GLY A 7 4.36 -0.25 10.17
CA GLY A 7 4.15 0.71 9.11
C GLY A 7 4.77 0.27 7.80
N LEU A 8 4.32 0.89 6.70
CA LEU A 8 4.83 0.56 5.38
C LEU A 8 6.26 1.05 5.20
N PRO A 9 7.03 0.36 4.35
CA PRO A 9 8.43 0.71 4.07
C PRO A 9 8.56 2.01 3.28
N PRO A 10 9.72 2.65 3.41
CA PRO A 10 10.00 3.92 2.71
C PRO A 10 10.14 3.74 1.20
N GLY A 11 9.03 3.88 0.50
CA GLY A 11 9.04 3.72 -0.95
C GLY A 11 7.67 3.47 -1.52
N TRP A 12 6.81 2.85 -0.72
CA TRP A 12 5.45 2.53 -1.16
C TRP A 12 4.52 3.71 -0.91
N GLN A 13 3.64 3.98 -1.88
CA GLN A 13 2.69 5.08 -1.76
C GLN A 13 1.30 4.56 -1.40
N SER A 14 0.53 5.39 -0.69
CA SER A 14 -0.82 5.02 -0.29
C SER A 14 -1.85 5.95 -0.92
N TYR A 15 -2.70 5.39 -1.78
CA TYR A 15 -3.73 6.16 -2.46
C TYR A 15 -5.12 5.70 -2.03
N LEU A 16 -6.14 6.36 -2.57
CA LEU A 16 -7.52 6.01 -2.25
C LEU A 16 -8.30 5.67 -3.51
N SER A 17 -9.09 4.60 -3.44
CA SER A 17 -9.90 4.18 -4.59
C SER A 17 -10.97 5.21 -4.91
N PRO A 18 -11.48 5.15 -6.15
CA PRO A 18 -12.52 6.07 -6.62
C PRO A 18 -13.87 5.81 -5.95
N GLN A 19 -13.86 4.94 -4.94
CA GLN A 19 -15.09 4.61 -4.22
C GLN A 19 -14.97 4.95 -2.75
N GLY A 20 -13.73 5.18 -2.30
CA GLY A 20 -13.50 5.51 -0.90
C GLY A 20 -12.50 4.59 -0.24
N ARG A 21 -12.37 3.37 -0.77
CA ARG A 21 -11.44 2.39 -0.23
C ARG A 21 -10.01 2.93 -0.26
N ARG A 22 -9.13 2.29 0.49
CA ARG A 22 -7.73 2.69 0.55
C ARG A 22 -6.81 1.52 0.17
N TYR A 23 -5.96 1.75 -0.82
CA TYR A 23 -5.03 0.73 -1.28
C TYR A 23 -3.65 1.32 -1.53
N TYR A 24 -2.65 0.44 -1.67
CA TYR A 24 -1.28 0.88 -1.91
C TYR A 24 -0.84 0.53 -3.33
N VAL A 25 0.12 1.29 -3.86
CA VAL A 25 0.63 1.05 -5.20
C VAL A 25 2.13 1.26 -5.26
N ASN A 26 2.81 0.42 -6.02
CA ASN A 26 4.26 0.51 -6.17
C ASN A 26 4.64 1.25 -7.46
N THR A 27 5.63 2.12 -7.36
CA THR A 27 6.09 2.89 -8.51
C THR A 27 7.32 2.26 -9.14
N THR A 28 7.95 1.35 -8.41
CA THR A 28 9.14 0.67 -8.89
C THR A 28 8.80 -0.32 -10.00
N THR A 29 7.83 -1.19 -9.74
CA THR A 29 7.41 -2.19 -10.71
C THR A 29 5.93 -2.03 -11.04
N ASN A 30 5.40 -0.84 -10.84
CA ASN A 30 4.00 -0.56 -11.11
C ASN A 30 3.11 -1.71 -10.65
N GLU A 31 3.38 -2.21 -9.44
CA GLU A 31 2.61 -3.31 -8.89
C GLU A 31 1.48 -2.79 -7.99
N THR A 32 0.28 -3.31 -8.20
CA THR A 32 -0.87 -2.90 -7.41
C THR A 32 -1.13 -3.87 -6.25
N THR A 33 -1.46 -3.32 -5.09
CA THR A 33 -1.73 -4.13 -3.92
C THR A 33 -2.90 -3.58 -3.13
N TRP A 34 -3.29 -4.29 -2.07
CA TRP A 34 -4.40 -3.87 -1.23
C TRP A 34 -3.94 -3.63 0.21
N GLU A 35 -3.86 -2.36 0.59
CA GLU A 35 -3.42 -1.99 1.93
C GLU A 35 -2.30 -2.90 2.41
N ARG A 36 -1.36 -3.19 1.51
CA ARG A 36 -0.23 -4.06 1.84
C ARG A 36 0.84 -3.97 0.76
N PRO A 37 1.94 -3.28 1.06
CA PRO A 37 3.06 -3.10 0.14
C PRO A 37 3.84 -4.40 -0.08
N SER A 38 3.44 -5.16 -1.10
CA SER A 38 4.10 -6.42 -1.41
C SER A 38 5.13 -6.24 -2.52
N SER A 39 6.40 -6.32 -2.14
CA SER A 39 7.49 -6.16 -3.11
C SER A 39 7.38 -7.19 -4.24
N SER A 40 7.33 -8.46 -3.86
CA SER A 40 7.22 -9.54 -4.82
C SER A 40 5.77 -9.73 -5.28
N GLY A 1 6.82 -14.07 16.39
CA GLY A 1 8.11 -13.65 16.92
C GLY A 1 8.08 -12.24 17.46
N SER A 2 8.84 -11.35 16.82
CA SER A 2 8.90 -9.96 17.25
C SER A 2 8.33 -9.04 16.17
N SER A 3 7.24 -9.46 15.54
CA SER A 3 6.60 -8.68 14.49
C SER A 3 6.22 -7.29 15.00
N GLY A 4 6.28 -6.30 14.11
CA GLY A 4 5.94 -4.94 14.48
C GLY A 4 6.73 -3.91 13.70
N SER A 5 6.14 -3.43 12.61
CA SER A 5 6.79 -2.44 11.76
C SER A 5 6.11 -1.07 11.90
N SER A 6 6.85 -0.02 11.57
CA SER A 6 6.32 1.34 11.66
C SER A 6 5.48 1.68 10.44
N GLY A 7 4.66 0.73 10.01
CA GLY A 7 3.80 0.94 8.87
C GLY A 7 4.45 0.47 7.58
N LEU A 8 3.98 1.01 6.45
CA LEU A 8 4.52 0.65 5.14
C LEU A 8 5.97 1.06 5.02
N PRO A 9 6.73 0.32 4.19
CA PRO A 9 8.15 0.59 3.96
C PRO A 9 8.38 1.89 3.19
N PRO A 10 9.57 2.48 3.35
CA PRO A 10 9.94 3.73 2.68
C PRO A 10 10.14 3.54 1.18
N GLY A 11 9.08 3.77 0.42
CA GLY A 11 9.15 3.62 -1.02
C GLY A 11 7.80 3.36 -1.65
N TRP A 12 6.87 2.84 -0.87
CA TRP A 12 5.53 2.55 -1.36
C TRP A 12 4.62 3.76 -1.21
N GLN A 13 3.72 3.94 -2.17
CA GLN A 13 2.78 5.07 -2.14
C GLN A 13 1.39 4.61 -1.71
N SER A 14 0.67 5.47 -1.01
CA SER A 14 -0.67 5.16 -0.54
C SER A 14 -1.71 5.99 -1.28
N TYR A 15 -2.63 5.30 -1.95
CA TYR A 15 -3.69 5.97 -2.70
C TYR A 15 -5.06 5.44 -2.30
N LEU A 16 -6.07 6.29 -2.43
CA LEU A 16 -7.44 5.91 -2.09
C LEU A 16 -8.27 5.63 -3.34
N SER A 17 -9.13 4.62 -3.27
CA SER A 17 -9.97 4.25 -4.39
C SER A 17 -10.98 5.35 -4.71
N PRO A 18 -11.48 5.36 -5.95
CA PRO A 18 -12.46 6.35 -6.40
C PRO A 18 -13.83 6.17 -5.75
N GLN A 19 -13.88 5.28 -4.76
CA GLN A 19 -15.13 5.01 -4.05
C GLN A 19 -14.98 5.31 -2.57
N GLY A 20 -13.75 5.25 -2.07
CA GLY A 20 -13.51 5.53 -0.66
C GLY A 20 -12.49 4.58 -0.06
N ARG A 21 -12.40 3.38 -0.62
CA ARG A 21 -11.46 2.37 -0.13
C ARG A 21 -10.03 2.89 -0.18
N ARG A 22 -9.11 2.15 0.42
CA ARG A 22 -7.70 2.53 0.44
C ARG A 22 -6.82 1.39 -0.05
N TYR A 23 -5.90 1.70 -0.96
CA TYR A 23 -4.99 0.71 -1.52
C TYR A 23 -3.59 1.29 -1.71
N TYR A 24 -2.61 0.41 -1.87
CA TYR A 24 -1.23 0.84 -2.07
C TYR A 24 -0.73 0.44 -3.45
N VAL A 25 -0.09 1.39 -4.12
CA VAL A 25 0.45 1.15 -5.45
C VAL A 25 1.92 1.55 -5.55
N ASN A 26 2.76 0.61 -5.96
CA ASN A 26 4.19 0.86 -6.08
C ASN A 26 4.51 1.40 -7.48
N THR A 27 5.47 2.33 -7.53
CA THR A 27 5.88 2.92 -8.80
C THR A 27 7.15 2.27 -9.32
N THR A 28 7.92 1.67 -8.42
CA THR A 28 9.17 1.01 -8.80
C THR A 28 8.90 -0.15 -9.74
N THR A 29 7.84 -0.91 -9.47
CA THR A 29 7.49 -2.06 -10.30
C THR A 29 6.02 -2.01 -10.70
N ASN A 30 5.45 -0.81 -10.65
CA ASN A 30 4.04 -0.63 -11.01
C ASN A 30 3.20 -1.80 -10.54
N GLU A 31 3.41 -2.22 -9.30
CA GLU A 31 2.67 -3.34 -8.73
C GLU A 31 1.48 -2.84 -7.90
N THR A 32 0.31 -3.42 -8.16
CA THR A 32 -0.90 -3.04 -7.44
C THR A 32 -1.20 -4.01 -6.31
N THR A 33 -1.55 -3.48 -5.15
CA THR A 33 -1.86 -4.29 -3.98
C THR A 33 -3.06 -3.73 -3.22
N TRP A 34 -3.46 -4.44 -2.17
CA TRP A 34 -4.60 -4.01 -1.35
C TRP A 34 -4.16 -3.76 0.09
N GLU A 35 -4.06 -2.48 0.46
CA GLU A 35 -3.65 -2.11 1.81
C GLU A 35 -2.57 -3.04 2.32
N ARG A 36 -1.60 -3.36 1.46
CA ARG A 36 -0.51 -4.25 1.84
C ARG A 36 0.55 -4.28 0.74
N PRO A 37 1.68 -3.60 1.00
CA PRO A 37 2.80 -3.54 0.05
C PRO A 37 3.52 -4.88 -0.09
N SER A 38 4.70 -4.85 -0.70
CA SER A 38 5.49 -6.06 -0.90
C SER A 38 6.81 -5.99 -0.13
N SER A 39 7.66 -5.05 -0.52
CA SER A 39 8.95 -4.87 0.13
C SER A 39 9.85 -6.08 -0.12
N SER A 40 9.84 -6.57 -1.36
CA SER A 40 10.65 -7.72 -1.73
C SER A 40 12.04 -7.28 -2.17
N GLY A 1 -12.51 -6.96 16.37
CA GLY A 1 -11.15 -7.13 15.92
C GLY A 1 -10.57 -5.88 15.30
N SER A 2 -9.34 -5.53 15.70
CA SER A 2 -8.68 -4.34 15.18
C SER A 2 -7.35 -4.70 14.53
N SER A 3 -6.74 -3.71 13.88
CA SER A 3 -5.46 -3.92 13.21
C SER A 3 -4.31 -3.35 14.02
N GLY A 4 -3.30 -4.17 14.26
CA GLY A 4 -2.15 -3.73 15.04
C GLY A 4 -1.51 -2.49 14.46
N SER A 5 -0.65 -2.68 13.46
CA SER A 5 0.03 -1.56 12.82
C SER A 5 0.17 -1.80 11.32
N SER A 6 -0.30 -0.85 10.52
CA SER A 6 -0.23 -0.95 9.07
C SER A 6 0.96 -0.16 8.53
N GLY A 7 2.09 -0.26 9.21
CA GLY A 7 3.28 0.46 8.78
C GLY A 7 3.78 -0.01 7.43
N LEU A 8 4.26 0.92 6.62
CA LEU A 8 4.77 0.60 5.30
C LEU A 8 6.22 1.05 5.14
N PRO A 9 6.96 0.36 4.27
CA PRO A 9 8.37 0.68 4.00
C PRO A 9 8.54 2.00 3.26
N PRO A 10 9.72 2.62 3.41
CA PRO A 10 10.03 3.90 2.77
C PRO A 10 10.20 3.76 1.26
N GLY A 11 9.09 3.90 0.53
CA GLY A 11 9.14 3.78 -0.92
C GLY A 11 7.78 3.55 -1.53
N TRP A 12 6.89 2.92 -0.76
CA TRP A 12 5.54 2.64 -1.23
C TRP A 12 4.62 3.83 -1.01
N GLN A 13 3.69 4.04 -1.95
CA GLN A 13 2.76 5.15 -1.86
C GLN A 13 1.39 4.67 -1.43
N SER A 14 0.66 5.53 -0.72
CA SER A 14 -0.67 5.19 -0.23
C SER A 14 -1.72 6.13 -0.84
N TYR A 15 -2.61 5.56 -1.64
CA TYR A 15 -3.67 6.34 -2.28
C TYR A 15 -5.05 5.77 -1.93
N LEU A 16 -6.09 6.48 -2.36
CA LEU A 16 -7.46 6.06 -2.11
C LEU A 16 -8.16 5.66 -3.40
N SER A 17 -8.93 4.58 -3.35
CA SER A 17 -9.66 4.10 -4.51
C SER A 17 -10.74 5.09 -4.92
N PRO A 18 -11.17 5.00 -6.19
CA PRO A 18 -12.21 5.88 -6.73
C PRO A 18 -13.58 5.59 -6.14
N GLN A 19 -13.62 4.82 -5.07
CA GLN A 19 -14.87 4.46 -4.41
C GLN A 19 -14.86 4.90 -2.94
N GLY A 20 -13.66 5.05 -2.39
CA GLY A 20 -13.53 5.46 -1.00
C GLY A 20 -12.58 4.58 -0.22
N ARG A 21 -12.33 3.38 -0.72
CA ARG A 21 -11.44 2.44 -0.06
C ARG A 21 -10.00 2.94 -0.12
N ARG A 22 -9.12 2.30 0.65
CA ARG A 22 -7.72 2.67 0.68
C ARG A 22 -6.83 1.51 0.26
N TYR A 23 -5.91 1.78 -0.66
CA TYR A 23 -5.01 0.75 -1.16
C TYR A 23 -3.63 1.34 -1.48
N TYR A 24 -2.65 0.47 -1.67
CA TYR A 24 -1.29 0.90 -1.97
C TYR A 24 -0.90 0.49 -3.39
N VAL A 25 0.02 1.25 -3.99
CA VAL A 25 0.48 0.97 -5.34
C VAL A 25 1.97 1.31 -5.49
N ASN A 26 2.75 0.33 -5.93
CA ASN A 26 4.18 0.53 -6.13
C ASN A 26 4.45 1.30 -7.41
N THR A 27 5.50 2.11 -7.39
CA THR A 27 5.88 2.91 -8.55
C THR A 27 7.02 2.26 -9.32
N THR A 28 7.97 1.68 -8.59
CA THR A 28 9.11 1.03 -9.21
C THR A 28 8.67 -0.09 -10.13
N THR A 29 8.06 -1.13 -9.55
CA THR A 29 7.59 -2.27 -10.33
C THR A 29 6.21 -1.99 -10.92
N ASN A 30 5.57 -0.92 -10.47
CA ASN A 30 4.26 -0.55 -10.96
C ASN A 30 3.24 -1.68 -10.71
N GLU A 31 3.18 -2.14 -9.46
CA GLU A 31 2.27 -3.21 -9.10
C GLU A 31 1.13 -2.68 -8.22
N THR A 32 0.01 -3.39 -8.23
CA THR A 32 -1.15 -2.99 -7.43
C THR A 32 -1.38 -3.97 -6.28
N THR A 33 -1.68 -3.43 -5.10
CA THR A 33 -1.94 -4.24 -3.93
C THR A 33 -3.09 -3.69 -3.11
N TRP A 34 -3.45 -4.41 -2.05
CA TRP A 34 -4.54 -3.99 -1.18
C TRP A 34 -4.04 -3.71 0.24
N GLU A 35 -3.94 -2.43 0.58
CA GLU A 35 -3.48 -2.03 1.90
C GLU A 35 -2.33 -2.93 2.37
N ARG A 36 -1.43 -3.24 1.45
CA ARG A 36 -0.29 -4.10 1.77
C ARG A 36 0.76 -4.04 0.65
N PRO A 37 1.86 -3.33 0.92
CA PRO A 37 2.95 -3.17 -0.04
C PRO A 37 3.72 -4.47 -0.25
N SER A 38 3.32 -5.24 -1.25
CA SER A 38 3.97 -6.51 -1.55
C SER A 38 5.46 -6.43 -1.28
N SER A 39 6.01 -7.52 -0.72
CA SER A 39 7.44 -7.57 -0.39
C SER A 39 7.83 -8.95 0.09
N SER A 40 9.07 -9.34 -0.17
CA SER A 40 9.57 -10.65 0.23
C SER A 40 11.07 -10.60 0.48
N GLY A 1 -7.83 -9.27 10.00
CA GLY A 1 -7.45 -9.60 11.36
C GLY A 1 -7.32 -8.39 12.24
N SER A 2 -6.62 -8.54 13.37
CA SER A 2 -6.43 -7.44 14.31
C SER A 2 -5.35 -6.49 13.81
N SER A 3 -5.77 -5.39 13.19
CA SER A 3 -4.83 -4.40 12.67
C SER A 3 -4.40 -3.43 13.76
N GLY A 4 -3.09 -3.32 13.98
CA GLY A 4 -2.58 -2.43 14.99
C GLY A 4 -1.33 -1.69 14.54
N SER A 5 -0.18 -2.07 15.11
CA SER A 5 1.09 -1.43 14.76
C SER A 5 1.64 -2.00 13.47
N SER A 6 1.56 -1.21 12.39
CA SER A 6 2.05 -1.65 11.09
C SER A 6 2.42 -0.44 10.22
N GLY A 7 3.70 -0.31 9.92
CA GLY A 7 4.16 0.80 9.11
C GLY A 7 4.76 0.34 7.78
N LEU A 8 4.33 0.96 6.70
CA LEU A 8 4.82 0.62 5.37
C LEU A 8 6.26 1.07 5.19
N PRO A 9 7.01 0.36 4.33
CA PRO A 9 8.41 0.67 4.04
C PRO A 9 8.57 1.98 3.26
N PRO A 10 9.75 2.60 3.39
CA PRO A 10 10.06 3.86 2.70
C PRO A 10 10.20 3.67 1.19
N GLY A 11 9.10 3.86 0.47
CA GLY A 11 9.14 3.71 -0.98
C GLY A 11 7.77 3.44 -1.56
N TRP A 12 6.88 2.88 -0.74
CA TRP A 12 5.52 2.57 -1.19
C TRP A 12 4.60 3.76 -0.99
N GLN A 13 3.67 3.95 -1.93
CA GLN A 13 2.72 5.06 -1.85
C GLN A 13 1.33 4.56 -1.49
N SER A 14 0.59 5.37 -0.74
CA SER A 14 -0.76 5.00 -0.32
C SER A 14 -1.80 5.92 -0.96
N TYR A 15 -2.68 5.34 -1.77
CA TYR A 15 -3.71 6.11 -2.45
C TYR A 15 -5.10 5.62 -2.04
N LEU A 16 -6.12 6.30 -2.54
CA LEU A 16 -7.51 5.95 -2.23
C LEU A 16 -8.29 5.62 -3.50
N SER A 17 -9.09 4.55 -3.42
CA SER A 17 -9.89 4.14 -4.57
C SER A 17 -10.94 5.18 -4.91
N PRO A 18 -11.44 5.13 -6.16
CA PRO A 18 -12.46 6.06 -6.64
C PRO A 18 -13.81 5.82 -6.00
N GLN A 19 -13.84 4.95 -4.99
CA GLN A 19 -15.08 4.62 -4.29
C GLN A 19 -14.99 5.03 -2.83
N GLY A 20 -13.77 5.06 -2.29
CA GLY A 20 -13.58 5.43 -0.90
C GLY A 20 -12.59 4.52 -0.20
N ARG A 21 -12.41 3.32 -0.72
CA ARG A 21 -11.48 2.36 -0.14
C ARG A 21 -10.05 2.88 -0.19
N ARG A 22 -9.18 2.29 0.62
CA ARG A 22 -7.78 2.69 0.67
C ARG A 22 -6.87 1.54 0.25
N TYR A 23 -6.02 1.79 -0.73
CA TYR A 23 -5.10 0.77 -1.22
C TYR A 23 -3.71 1.36 -1.46
N TYR A 24 -2.74 0.49 -1.68
CA TYR A 24 -1.37 0.92 -1.93
C TYR A 24 -0.92 0.56 -3.34
N VAL A 25 0.16 1.19 -3.79
CA VAL A 25 0.68 0.94 -5.13
C VAL A 25 2.18 1.23 -5.19
N ASN A 26 2.91 0.39 -5.91
CA ASN A 26 4.36 0.55 -6.06
C ASN A 26 4.70 1.18 -7.40
N THR A 27 5.64 2.12 -7.38
CA THR A 27 6.07 2.79 -8.60
C THR A 27 7.25 2.08 -9.25
N THR A 28 8.05 1.40 -8.43
CA THR A 28 9.21 0.67 -8.93
C THR A 28 8.81 -0.36 -9.98
N THR A 29 7.84 -1.20 -9.64
CA THR A 29 7.36 -2.23 -10.55
C THR A 29 5.91 -1.99 -10.94
N ASN A 30 5.46 -0.74 -10.79
CA ASN A 30 4.09 -0.38 -11.14
C ASN A 30 3.12 -1.50 -10.76
N GLU A 31 3.33 -2.08 -9.59
CA GLU A 31 2.49 -3.16 -9.10
C GLU A 31 1.35 -2.61 -8.23
N THR A 32 0.23 -3.32 -8.22
CA THR A 32 -0.93 -2.91 -7.43
C THR A 32 -1.19 -3.87 -6.29
N THR A 33 -1.51 -3.32 -5.11
CA THR A 33 -1.79 -4.13 -3.94
C THR A 33 -2.96 -3.58 -3.13
N TRP A 34 -3.34 -4.29 -2.09
CA TRP A 34 -4.46 -3.86 -1.24
C TRP A 34 -3.98 -3.60 0.18
N GLU A 35 -3.89 -2.32 0.55
CA GLU A 35 -3.45 -1.95 1.89
C GLU A 35 -2.33 -2.86 2.38
N ARG A 36 -1.40 -3.17 1.47
CA ARG A 36 -0.27 -4.03 1.80
C ARG A 36 0.81 -3.96 0.72
N PRO A 37 1.90 -3.25 1.02
CA PRO A 37 3.03 -3.09 0.10
C PRO A 37 3.80 -4.38 -0.12
N SER A 38 3.38 -5.16 -1.10
CA SER A 38 4.02 -6.43 -1.41
C SER A 38 5.52 -6.23 -1.70
N SER A 39 6.34 -6.37 -0.68
CA SER A 39 7.78 -6.19 -0.82
C SER A 39 8.31 -7.06 -1.96
N SER A 40 9.44 -6.63 -2.53
CA SER A 40 10.06 -7.37 -3.64
C SER A 40 10.20 -8.85 -3.30
N GLY A 1 2.74 -14.27 11.06
CA GLY A 1 3.41 -14.05 9.77
C GLY A 1 3.82 -12.61 9.57
N SER A 2 3.11 -11.91 8.71
CA SER A 2 3.40 -10.52 8.41
C SER A 2 3.40 -9.67 9.68
N SER A 3 4.58 -9.27 10.12
CA SER A 3 4.72 -8.46 11.33
C SER A 3 4.89 -6.99 10.99
N GLY A 4 3.85 -6.20 11.24
CA GLY A 4 3.91 -4.77 10.96
C GLY A 4 2.54 -4.12 10.98
N SER A 5 2.25 -3.40 12.05
CA SER A 5 0.96 -2.73 12.18
C SER A 5 1.02 -1.32 11.59
N SER A 6 0.07 -1.02 10.71
CA SER A 6 0.02 0.29 10.06
C SER A 6 1.42 0.81 9.77
N GLY A 7 2.27 -0.07 9.25
CA GLY A 7 3.63 0.32 8.93
C GLY A 7 4.06 -0.15 7.55
N LEU A 8 4.47 0.79 6.71
CA LEU A 8 4.90 0.46 5.35
C LEU A 8 6.35 0.88 5.13
N PRO A 9 7.05 0.18 4.22
CA PRO A 9 8.45 0.47 3.89
C PRO A 9 8.60 1.79 3.14
N PRO A 10 9.79 2.39 3.24
CA PRO A 10 10.10 3.67 2.58
C PRO A 10 10.19 3.51 1.07
N GLY A 11 9.07 3.70 0.38
CA GLY A 11 9.06 3.58 -1.07
C GLY A 11 7.66 3.35 -1.61
N TRP A 12 6.78 2.80 -0.78
CA TRP A 12 5.41 2.53 -1.19
C TRP A 12 4.51 3.73 -0.92
N GLN A 13 3.62 4.02 -1.85
CA GLN A 13 2.70 5.15 -1.71
C GLN A 13 1.30 4.67 -1.35
N SER A 14 0.56 5.48 -0.59
CA SER A 14 -0.79 5.13 -0.19
C SER A 14 -1.81 5.95 -0.95
N TYR A 15 -2.62 5.28 -1.77
CA TYR A 15 -3.65 5.95 -2.55
C TYR A 15 -5.04 5.50 -2.14
N LEU A 16 -6.05 6.22 -2.60
CA LEU A 16 -7.44 5.89 -2.28
C LEU A 16 -8.23 5.56 -3.55
N SER A 17 -9.04 4.51 -3.48
CA SER A 17 -9.84 4.09 -4.62
C SER A 17 -10.90 5.14 -4.95
N PRO A 18 -11.39 5.11 -6.20
CA PRO A 18 -12.40 6.05 -6.68
C PRO A 18 -13.77 5.82 -6.03
N GLN A 19 -13.80 4.93 -5.04
CA GLN A 19 -15.04 4.61 -4.34
C GLN A 19 -14.95 5.02 -2.87
N GLY A 20 -13.73 5.19 -2.38
CA GLY A 20 -13.54 5.58 -0.99
C GLY A 20 -12.58 4.67 -0.26
N ARG A 21 -12.41 3.46 -0.76
CA ARG A 21 -11.51 2.49 -0.15
C ARG A 21 -10.06 2.95 -0.23
N ARG A 22 -9.19 2.34 0.57
CA ARG A 22 -7.78 2.70 0.59
C ARG A 22 -6.92 1.53 0.11
N TYR A 23 -6.03 1.81 -0.84
CA TYR A 23 -5.15 0.78 -1.37
C TYR A 23 -3.76 1.35 -1.64
N TYR A 24 -2.76 0.46 -1.67
CA TYR A 24 -1.38 0.87 -1.92
C TYR A 24 -0.97 0.56 -3.35
N VAL A 25 0.08 1.21 -3.81
CA VAL A 25 0.59 0.99 -5.17
C VAL A 25 2.08 1.28 -5.25
N ASN A 26 2.81 0.41 -5.94
CA ASN A 26 4.25 0.56 -6.10
C ASN A 26 4.58 1.22 -7.44
N THR A 27 5.48 2.20 -7.41
CA THR A 27 5.88 2.91 -8.62
C THR A 27 7.10 2.25 -9.25
N THR A 28 7.87 1.53 -8.44
CA THR A 28 9.07 0.86 -8.92
C THR A 28 8.72 -0.25 -9.90
N THR A 29 7.75 -1.07 -9.54
CA THR A 29 7.32 -2.18 -10.38
C THR A 29 5.87 -2.00 -10.83
N ASN A 30 5.38 -0.76 -10.75
CA ASN A 30 4.01 -0.45 -11.14
C ASN A 30 3.07 -1.58 -10.76
N GLU A 31 3.17 -2.05 -9.52
CA GLU A 31 2.33 -3.14 -9.03
C GLU A 31 1.19 -2.59 -8.16
N THR A 32 0.04 -3.24 -8.23
CA THR A 32 -1.12 -2.84 -7.46
C THR A 32 -1.39 -3.81 -6.31
N THR A 33 -1.69 -3.27 -5.14
CA THR A 33 -1.96 -4.10 -3.97
C THR A 33 -3.11 -3.51 -3.14
N TRP A 34 -3.49 -4.21 -2.09
CA TRP A 34 -4.58 -3.77 -1.23
C TRP A 34 -4.08 -3.54 0.20
N GLU A 35 -3.93 -2.28 0.58
CA GLU A 35 -3.46 -1.92 1.91
C GLU A 35 -2.37 -2.88 2.37
N ARG A 36 -1.46 -3.22 1.46
CA ARG A 36 -0.37 -4.14 1.77
C ARG A 36 0.68 -4.14 0.66
N PRO A 37 1.81 -3.49 0.92
CA PRO A 37 2.91 -3.39 -0.05
C PRO A 37 3.61 -4.73 -0.26
N SER A 38 4.80 -4.69 -0.84
CA SER A 38 5.57 -5.90 -1.11
C SER A 38 6.69 -6.06 -0.07
N SER A 39 7.09 -7.31 0.17
CA SER A 39 8.15 -7.60 1.13
C SER A 39 7.76 -7.13 2.52
N SER A 40 6.53 -7.44 2.93
CA SER A 40 6.04 -7.05 4.24
C SER A 40 5.30 -8.20 4.92
#